data_4D2N
#
_entry.id   4D2N
#
_cell.length_a   196.945
_cell.length_b   196.945
_cell.length_c   96.956
_cell.angle_alpha   90.00
_cell.angle_beta   90.00
_cell.angle_gamma   120.00
#
_symmetry.space_group_name_H-M   'P 6 2 2'
#
loop_
_entity.id
_entity.type
_entity.pdbx_description
1 polymer 'IG GAMMA-4 CHAIN C REGION'
2 non-polymer GLYCEROL
3 water water
#
_entity_poly.entity_id   1
_entity_poly.type   'polypeptide(L)'
_entity_poly.pdbx_seq_one_letter_code
;YGPPCPSCPAPEFLGGPSVFLFPPKPKDTLMISRTPEVTCVVVDVSQEDPEVQFNWYVDGVEVHNAKTKPREEQFDSTYR
VVSVLTVLHQDWLNGKEYKCKVSNKGLPSSIEKTISKAKGQPREPQVYTLPPSQEEMTKNQVSLTCLVKGFYPSDIAVEW
ESNGQPENNYKTTPPVLDSDGSFFLYSRLTVDKSRWQEGNVFSCSVMHEALHNHYTQKSLSLSLGK
;
_entity_poly.pdbx_strand_id   A,B,C,D
#
loop_
_chem_comp.id
_chem_comp.type
_chem_comp.name
_chem_comp.formula
GOL non-polymer GLYCEROL 'C3 H8 O3'
#
# COMPACT_ATOMS: atom_id res chain seq x y z
C GLY A 15 -6.96 12.55 3.67
N GLY A 16 -8.02 11.91 3.19
CA GLY A 16 -8.73 12.38 2.01
C GLY A 16 -8.67 11.40 0.86
N PRO A 17 -9.45 11.67 -0.21
CA PRO A 17 -9.52 10.82 -1.41
C PRO A 17 -8.17 10.67 -2.12
N SER A 18 -7.95 9.51 -2.73
CA SER A 18 -6.73 9.25 -3.47
C SER A 18 -7.02 9.13 -4.97
N VAL A 19 -6.01 9.41 -5.79
CA VAL A 19 -6.19 9.42 -7.25
C VAL A 19 -5.34 8.37 -7.95
N PHE A 20 -6.00 7.52 -8.74
CA PHE A 20 -5.32 6.49 -9.51
C PHE A 20 -5.50 6.71 -11.01
N LEU A 21 -4.51 6.30 -11.80
CA LEU A 21 -4.58 6.42 -13.26
C LEU A 21 -4.07 5.14 -13.92
N PHE A 22 -4.94 4.47 -14.66
CA PHE A 22 -4.64 3.14 -15.21
C PHE A 22 -4.45 3.15 -16.73
N PRO A 23 -3.50 2.35 -17.23
CA PRO A 23 -3.23 2.25 -18.67
C PRO A 23 -4.30 1.44 -19.38
N PRO A 24 -4.35 1.51 -20.72
CA PRO A 24 -5.23 0.62 -21.49
C PRO A 24 -4.78 -0.83 -21.38
N LYS A 25 -5.70 -1.76 -21.65
CA LYS A 25 -5.32 -3.15 -21.77
C LYS A 25 -4.56 -3.33 -23.07
N PRO A 26 -3.34 -3.89 -22.99
CA PRO A 26 -2.41 -4.09 -24.12
C PRO A 26 -3.10 -4.66 -25.36
N LYS A 27 -4.00 -5.61 -25.15
CA LYS A 27 -4.76 -6.21 -26.24
C LYS A 27 -5.58 -5.16 -26.99
N ASP A 28 -6.21 -4.24 -26.24
CA ASP A 28 -7.05 -3.21 -26.85
C ASP A 28 -6.26 -2.29 -27.78
N THR A 29 -5.02 -1.99 -27.41
CA THR A 29 -4.19 -1.08 -28.19
C THR A 29 -3.69 -1.71 -29.49
N LEU A 30 -3.81 -3.02 -29.57
CA LEU A 30 -3.26 -3.78 -30.70
C LEU A 30 -4.35 -4.40 -31.58
N MET A 31 -5.59 -3.94 -31.41
CA MET A 31 -6.72 -4.49 -32.17
C MET A 31 -7.56 -3.40 -32.81
N ILE A 32 -7.81 -3.53 -34.12
CA ILE A 32 -8.60 -2.56 -34.86
C ILE A 32 -10.09 -2.69 -34.57
N SER A 33 -10.44 -3.63 -33.70
CA SER A 33 -11.86 -3.88 -33.41
C SER A 33 -12.17 -3.63 -31.93
N ARG A 34 -11.16 -3.26 -31.16
CA ARG A 34 -11.36 -2.91 -29.76
C ARG A 34 -11.05 -1.44 -29.54
N THR A 35 -11.45 -0.92 -28.37
CA THR A 35 -11.17 0.47 -28.04
C THR A 35 -10.39 0.58 -26.73
N PRO A 36 -9.17 1.12 -26.81
CA PRO A 36 -8.29 1.29 -25.66
C PRO A 36 -8.78 2.42 -24.76
N GLU A 37 -8.74 2.20 -23.45
CA GLU A 37 -9.25 3.19 -22.51
C GLU A 37 -8.24 3.52 -21.42
N VAL A 38 -8.11 4.80 -21.12
CA VAL A 38 -7.37 5.24 -19.94
C VAL A 38 -8.37 5.56 -18.85
N THR A 39 -8.18 4.98 -17.67
CA THR A 39 -9.15 5.13 -16.59
C THR A 39 -8.59 5.85 -15.38
N CYS A 40 -9.18 7.01 -15.07
CA CYS A 40 -8.81 7.75 -13.86
C CYS A 40 -9.85 7.52 -12.78
N VAL A 41 -9.39 7.06 -11.62
CA VAL A 41 -10.30 6.65 -10.54
C VAL A 41 -9.96 7.32 -9.21
N VAL A 42 -10.98 7.94 -8.60
CA VAL A 42 -10.84 8.51 -7.27
C VAL A 42 -11.77 7.82 -6.28
N VAL A 43 -11.21 7.39 -5.15
CA VAL A 43 -11.97 6.68 -4.13
C VAL A 43 -11.93 7.41 -2.80
N ASP A 44 -12.71 6.93 -1.84
CA ASP A 44 -12.80 7.51 -0.50
C ASP A 44 -13.25 8.97 -0.52
N VAL A 45 -14.25 9.26 -1.35
CA VAL A 45 -14.83 10.59 -1.41
C VAL A 45 -15.91 10.73 -0.34
N SER A 46 -15.75 11.73 0.54
CA SER A 46 -16.67 11.92 1.65
C SER A 46 -18.08 12.29 1.18
N GLN A 47 -19.08 11.92 1.98
CA GLN A 47 -20.46 12.20 1.66
C GLN A 47 -20.79 13.67 1.88
N GLU A 48 -19.91 14.36 2.60
CA GLU A 48 -20.10 15.77 2.92
C GLU A 48 -19.85 16.67 1.71
N ASP A 49 -19.22 16.12 0.67
CA ASP A 49 -18.92 16.86 -0.54
C ASP A 49 -18.56 15.92 -1.69
N PRO A 50 -19.58 15.39 -2.39
CA PRO A 50 -19.39 14.39 -3.44
C PRO A 50 -19.12 14.95 -4.84
N GLU A 51 -19.09 16.27 -4.99
CA GLU A 51 -18.89 16.88 -6.30
C GLU A 51 -17.43 16.75 -6.76
N VAL A 52 -17.21 15.95 -7.79
CA VAL A 52 -15.87 15.70 -8.31
C VAL A 52 -15.73 16.13 -9.77
N GLN A 53 -14.66 16.83 -10.09
CA GLN A 53 -14.45 17.35 -11.44
C GLN A 53 -13.19 16.77 -12.09
N PHE A 54 -13.30 16.40 -13.37
CA PHE A 54 -12.19 15.81 -14.09
C PHE A 54 -11.69 16.71 -15.23
N ASN A 55 -10.37 16.84 -15.36
CA ASN A 55 -9.76 17.51 -16.50
C ASN A 55 -8.78 16.59 -17.22
N TRP A 56 -9.02 16.38 -18.50
CA TRP A 56 -8.23 15.43 -19.28
C TRP A 56 -7.39 16.13 -20.34
N TYR A 57 -6.13 15.72 -20.46
CA TYR A 57 -5.22 16.32 -21.44
C TYR A 57 -4.45 15.25 -22.22
N VAL A 58 -4.42 15.40 -23.54
CA VAL A 58 -3.62 14.54 -24.38
C VAL A 58 -2.45 15.33 -24.95
N ASP A 59 -1.25 15.03 -24.46
CA ASP A 59 -0.05 15.80 -24.81
C ASP A 59 -0.25 17.28 -24.48
N GLY A 60 -0.88 17.54 -23.34
CA GLY A 60 -1.06 18.90 -22.85
C GLY A 60 -2.27 19.62 -23.46
N VAL A 61 -2.99 18.93 -24.34
CA VAL A 61 -4.15 19.51 -24.99
C VAL A 61 -5.43 18.96 -24.36
N GLU A 62 -6.23 19.86 -23.77
CA GLU A 62 -7.43 19.44 -23.04
C GLU A 62 -8.47 18.81 -23.97
N VAL A 63 -9.01 17.67 -23.53
CA VAL A 63 -10.10 17.02 -24.26
C VAL A 63 -11.33 16.99 -23.37
N HIS A 64 -12.51 17.03 -23.98
CA HIS A 64 -13.75 17.12 -23.21
C HIS A 64 -14.72 15.99 -23.50
N ASN A 65 -14.23 14.92 -24.12
CA ASN A 65 -15.10 13.81 -24.52
C ASN A 65 -15.08 12.62 -23.56
N ALA A 66 -14.45 12.80 -22.40
CA ALA A 66 -14.34 11.72 -21.41
C ALA A 66 -15.70 11.40 -20.79
N LYS A 67 -15.97 10.12 -20.59
CA LYS A 67 -17.22 9.68 -19.98
C LYS A 67 -17.04 9.37 -18.50
N THR A 68 -17.82 10.05 -17.67
CA THR A 68 -17.67 9.91 -16.21
C THR A 68 -18.89 9.24 -15.59
N LYS A 69 -18.71 7.99 -15.17
CA LYS A 69 -19.74 7.27 -14.45
C LYS A 69 -19.95 7.94 -13.09
N PRO A 70 -21.21 8.16 -12.70
CA PRO A 70 -21.52 8.92 -11.48
C PRO A 70 -21.04 8.22 -10.21
N ARG A 71 -21.11 8.93 -9.08
CA ARG A 71 -20.62 8.42 -7.81
C ARG A 71 -21.28 7.10 -7.40
N GLU A 72 -20.46 6.08 -7.20
CA GLU A 72 -20.97 4.78 -6.74
C GLU A 72 -20.75 4.60 -5.24
N GLU A 73 -21.85 4.52 -4.49
CA GLU A 73 -21.79 4.39 -3.04
C GLU A 73 -21.10 3.11 -2.58
N GLN A 74 -20.25 3.23 -1.56
CA GLN A 74 -19.53 2.08 -1.03
C GLN A 74 -20.07 1.66 0.33
N PHE A 75 -19.20 1.06 1.15
CA PHE A 75 -19.59 0.53 2.46
C PHE A 75 -19.63 1.62 3.52
N ASP A 76 -18.61 2.48 3.53
CA ASP A 76 -18.46 3.53 4.52
C ASP A 76 -19.41 4.72 4.26
N SER A 77 -20.48 4.46 3.51
CA SER A 77 -21.34 5.52 2.97
C SER A 77 -20.51 6.52 2.16
N THR A 78 -19.40 6.03 1.60
CA THR A 78 -18.52 6.86 0.79
C THR A 78 -18.71 6.52 -0.68
N TYR A 79 -18.20 7.36 -1.58
CA TYR A 79 -18.45 7.17 -3.01
C TYR A 79 -17.20 6.81 -3.81
N ARG A 80 -17.42 6.15 -4.94
CA ARG A 80 -16.36 5.82 -5.89
C ARG A 80 -16.66 6.47 -7.23
N VAL A 81 -15.76 7.33 -7.70
CA VAL A 81 -15.98 8.06 -8.94
C VAL A 81 -14.98 7.66 -10.02
N VAL A 82 -15.50 7.19 -11.15
CA VAL A 82 -14.65 6.69 -12.22
C VAL A 82 -14.84 7.48 -13.52
N SER A 83 -13.75 8.03 -14.02
CA SER A 83 -13.77 8.73 -15.31
C SER A 83 -12.93 7.98 -16.34
N VAL A 84 -13.47 7.80 -17.53
CA VAL A 84 -12.83 6.98 -18.56
C VAL A 84 -12.63 7.75 -19.87
N LEU A 85 -11.40 7.75 -20.38
CA LEU A 85 -11.09 8.44 -21.63
C LEU A 85 -10.68 7.46 -22.73
N THR A 86 -11.46 7.44 -23.81
CA THR A 86 -11.11 6.66 -24.99
C THR A 86 -9.90 7.27 -25.69
N VAL A 87 -8.93 6.43 -26.03
CA VAL A 87 -7.73 6.89 -26.72
C VAL A 87 -7.64 6.30 -28.12
N LEU A 88 -6.84 6.93 -28.97
CA LEU A 88 -6.58 6.42 -30.32
C LEU A 88 -5.36 5.52 -30.31
N HIS A 89 -5.47 4.37 -30.97
CA HIS A 89 -4.40 3.39 -31.01
C HIS A 89 -3.05 3.99 -31.40
N GLN A 90 -3.06 4.89 -32.38
CA GLN A 90 -1.82 5.49 -32.85
C GLN A 90 -1.20 6.40 -31.79
N ASP A 91 -2.04 7.17 -31.11
CA ASP A 91 -1.60 8.08 -30.08
C ASP A 91 -0.84 7.35 -28.97
N TRP A 92 -1.40 6.24 -28.52
CA TRP A 92 -0.76 5.44 -27.48
C TRP A 92 0.57 4.89 -27.96
N LEU A 93 0.57 4.33 -29.17
CA LEU A 93 1.79 3.73 -29.72
C LEU A 93 2.85 4.78 -30.03
N ASN A 94 2.41 6.01 -30.31
CA ASN A 94 3.34 7.10 -30.56
C ASN A 94 3.84 7.71 -29.26
N GLY A 95 3.34 7.21 -28.14
CA GLY A 95 3.81 7.60 -26.83
C GLY A 95 3.34 8.96 -26.35
N LYS A 96 2.06 9.25 -26.60
CA LYS A 96 1.46 10.50 -26.14
C LYS A 96 1.14 10.41 -24.65
N GLU A 97 1.33 11.52 -23.93
CA GLU A 97 1.05 11.54 -22.50
C GLU A 97 -0.42 11.80 -22.20
N TYR A 98 -0.93 11.14 -21.17
CA TYR A 98 -2.31 11.31 -20.76
C TYR A 98 -2.38 11.78 -19.31
N LYS A 99 -2.84 13.01 -19.11
CA LYS A 99 -2.92 13.60 -17.77
C LYS A 99 -4.36 13.67 -17.28
N CYS A 100 -4.57 13.30 -16.02
CA CYS A 100 -5.88 13.36 -15.40
C CYS A 100 -5.84 14.24 -14.15
N LYS A 101 -6.50 15.40 -14.23
CA LYS A 101 -6.56 16.32 -13.09
C LYS A 101 -7.90 16.20 -12.35
N VAL A 102 -7.83 15.94 -11.05
CA VAL A 102 -9.03 15.77 -10.24
C VAL A 102 -9.21 16.91 -9.26
N SER A 103 -10.38 17.55 -9.31
CA SER A 103 -10.69 18.64 -8.38
C SER A 103 -11.80 18.22 -7.40
N ASN A 104 -11.63 18.60 -6.14
CA ASN A 104 -12.62 18.31 -5.11
C ASN A 104 -12.47 19.21 -3.90
N LYS A 105 -13.56 19.40 -3.15
CA LYS A 105 -13.52 20.19 -1.93
C LYS A 105 -12.86 19.41 -0.80
N GLY A 106 -12.87 18.09 -0.91
CA GLY A 106 -12.26 17.22 0.08
C GLY A 106 -10.76 17.08 -0.11
N LEU A 107 -10.24 17.81 -1.09
CA LEU A 107 -8.80 17.81 -1.37
C LEU A 107 -8.22 19.20 -1.10
N PRO A 108 -6.98 19.24 -0.57
CA PRO A 108 -6.25 20.50 -0.40
C PRO A 108 -6.12 21.26 -1.71
N SER A 109 -5.74 20.54 -2.75
CA SER A 109 -5.67 21.08 -4.10
C SER A 109 -6.00 19.98 -5.10
N SER A 110 -6.05 20.33 -6.38
CA SER A 110 -6.29 19.35 -7.42
C SER A 110 -5.07 18.43 -7.57
N ILE A 111 -5.31 17.15 -7.79
CA ILE A 111 -4.23 16.19 -7.98
C ILE A 111 -4.08 15.79 -9.44
N GLU A 112 -2.84 15.75 -9.92
CA GLU A 112 -2.56 15.38 -11.30
C GLU A 112 -1.77 14.07 -11.41
N LYS A 113 -2.24 13.18 -12.27
CA LYS A 113 -1.50 11.97 -12.59
C LYS A 113 -1.26 11.90 -14.09
N THR A 114 -0.13 11.33 -14.49
CA THR A 114 0.22 11.25 -15.91
C THR A 114 0.64 9.84 -16.27
N ILE A 115 0.22 9.38 -17.44
CA ILE A 115 0.51 8.02 -17.86
C ILE A 115 0.77 7.97 -19.38
N SER A 116 1.54 6.97 -19.80
CA SER A 116 1.91 6.82 -21.20
C SER A 116 2.56 5.46 -21.44
N LYS A 117 2.87 5.16 -22.70
CA LYS A 117 3.56 3.93 -23.05
C LYS A 117 4.96 3.94 -22.45
N ALA A 118 5.47 2.76 -22.10
CA ALA A 118 6.80 2.63 -21.54
C ALA A 118 7.87 3.12 -22.50
N LYS A 119 8.80 3.92 -21.99
CA LYS A 119 9.93 4.42 -22.78
C LYS A 119 10.98 3.34 -22.96
N GLY A 120 11.84 3.47 -23.97
CA GLY A 120 12.88 2.51 -24.24
C GLY A 120 12.75 1.88 -25.61
N GLN A 121 13.88 1.56 -26.24
CA GLN A 121 13.89 0.97 -27.58
C GLN A 121 13.17 -0.37 -27.62
N PRO A 122 12.08 -0.46 -28.39
CA PRO A 122 11.30 -1.70 -28.50
C PRO A 122 12.10 -2.84 -29.12
N ARG A 123 11.91 -4.05 -28.60
CA ARG A 123 12.57 -5.23 -29.13
C ARG A 123 11.53 -6.30 -29.46
N GLU A 124 11.65 -6.92 -30.63
CA GLU A 124 10.65 -7.88 -31.08
C GLU A 124 10.84 -9.23 -30.39
N PRO A 125 9.71 -9.85 -30.00
CA PRO A 125 9.69 -11.17 -29.37
C PRO A 125 10.06 -12.28 -30.32
N GLN A 126 10.68 -13.33 -29.79
CA GLN A 126 10.91 -14.55 -30.54
C GLN A 126 9.97 -15.62 -30.02
N VAL A 127 9.24 -16.27 -30.93
CA VAL A 127 8.20 -17.22 -30.54
C VAL A 127 8.55 -18.65 -30.93
N TYR A 128 8.55 -19.54 -29.95
CA TYR A 128 8.81 -20.96 -30.19
C TYR A 128 7.73 -21.83 -29.55
N THR A 129 7.18 -22.76 -30.33
CA THR A 129 6.22 -23.73 -29.80
C THR A 129 6.92 -25.03 -29.41
N LEU A 130 6.49 -25.61 -28.31
CA LEU A 130 7.07 -26.84 -27.78
C LEU A 130 6.01 -27.91 -27.58
N PRO A 131 6.19 -29.09 -28.20
CA PRO A 131 5.24 -30.20 -28.05
C PRO A 131 5.28 -30.79 -26.64
N PRO A 132 4.19 -31.41 -26.19
CA PRO A 132 4.12 -32.02 -24.86
C PRO A 132 5.18 -33.10 -24.67
N SER A 133 5.78 -33.14 -23.48
CA SER A 133 6.74 -34.18 -23.13
C SER A 133 6.09 -35.55 -23.29
N GLN A 134 6.86 -36.52 -23.80
CA GLN A 134 6.33 -37.85 -24.06
C GLN A 134 5.91 -38.52 -22.75
N GLU A 135 6.48 -38.05 -21.64
CA GLU A 135 6.13 -38.56 -20.31
C GLU A 135 4.75 -38.09 -19.85
N GLU A 136 4.16 -37.16 -20.61
CA GLU A 136 2.84 -36.63 -20.26
C GLU A 136 1.74 -37.43 -20.94
N MET A 137 2.15 -38.30 -21.86
CA MET A 137 1.21 -39.05 -22.71
C MET A 137 0.41 -40.11 -21.96
N THR A 138 0.68 -40.26 -20.67
CA THR A 138 -0.08 -41.19 -19.84
C THR A 138 -1.25 -40.48 -19.16
N LYS A 139 -1.41 -39.20 -19.47
CA LYS A 139 -2.48 -38.41 -18.87
C LYS A 139 -3.66 -38.27 -19.82
N ASN A 140 -4.79 -37.80 -19.30
CA ASN A 140 -5.98 -37.58 -20.11
C ASN A 140 -5.81 -36.33 -20.98
N GLN A 141 -5.25 -35.29 -20.39
CA GLN A 141 -5.01 -34.04 -21.09
C GLN A 141 -3.51 -33.75 -21.20
N VAL A 142 -3.12 -33.03 -22.24
CA VAL A 142 -1.71 -32.73 -22.48
C VAL A 142 -1.46 -31.24 -22.58
N SER A 143 -0.20 -30.84 -22.35
CA SER A 143 0.17 -29.44 -22.34
C SER A 143 0.93 -29.03 -23.60
N LEU A 144 0.39 -28.04 -24.32
CA LEU A 144 1.11 -27.41 -25.41
C LEU A 144 1.74 -26.12 -24.91
N THR A 145 3.03 -25.92 -25.19
CA THR A 145 3.76 -24.79 -24.64
C THR A 145 4.17 -23.77 -25.71
N CYS A 146 3.99 -22.49 -25.41
CA CYS A 146 4.47 -21.41 -26.27
C CYS A 146 5.46 -20.53 -25.51
N LEU A 147 6.67 -20.42 -26.03
CA LEU A 147 7.71 -19.60 -25.41
C LEU A 147 7.89 -18.28 -26.17
N VAL A 148 7.68 -17.17 -25.47
CA VAL A 148 7.86 -15.86 -26.05
C VAL A 148 8.96 -15.10 -25.31
N LYS A 149 10.07 -14.82 -25.99
CA LYS A 149 11.22 -14.22 -25.32
C LYS A 149 11.84 -13.04 -26.07
N GLY A 150 12.56 -12.21 -25.33
CA GLY A 150 13.35 -11.14 -25.90
C GLY A 150 12.60 -9.89 -26.28
N PHE A 151 11.40 -9.71 -25.74
CA PHE A 151 10.57 -8.59 -26.15
C PHE A 151 10.58 -7.43 -25.15
N TYR A 152 10.30 -6.24 -25.66
CA TYR A 152 10.20 -5.03 -24.86
C TYR A 152 9.37 -4.01 -25.63
N PRO A 153 8.45 -3.31 -24.95
CA PRO A 153 8.15 -3.42 -23.51
C PRO A 153 7.30 -4.64 -23.19
N SER A 154 6.92 -4.79 -21.93
CA SER A 154 6.26 -5.99 -21.43
C SER A 154 4.80 -6.09 -21.86
N ASP A 155 4.26 -5.02 -22.45
CA ASP A 155 2.90 -5.03 -22.95
C ASP A 155 2.77 -6.02 -24.11
N ILE A 156 1.97 -7.06 -23.91
CA ILE A 156 1.86 -8.13 -24.90
C ILE A 156 0.54 -8.89 -24.76
N ALA A 157 0.11 -9.51 -25.85
CA ALA A 157 -1.10 -10.32 -25.85
C ALA A 157 -0.82 -11.66 -26.51
N VAL A 158 -1.09 -12.74 -25.79
CA VAL A 158 -0.83 -14.09 -26.29
C VAL A 158 -2.10 -14.93 -26.26
N GLU A 159 -2.41 -15.58 -27.38
CA GLU A 159 -3.58 -16.44 -27.48
C GLU A 159 -3.28 -17.74 -28.20
N TRP A 160 -4.24 -18.65 -28.14
CA TRP A 160 -4.14 -19.92 -28.84
C TRP A 160 -5.33 -20.12 -29.77
N GLU A 161 -5.11 -20.79 -30.89
CA GLU A 161 -6.20 -21.09 -31.81
C GLU A 161 -5.98 -22.39 -32.57
N SER A 162 -7.05 -22.88 -33.17
CA SER A 162 -6.99 -24.04 -34.04
C SER A 162 -8.11 -23.92 -35.07
N ASN A 163 -7.77 -24.19 -36.33
CA ASN A 163 -8.70 -24.03 -37.45
C ASN A 163 -9.33 -22.63 -37.48
N GLY A 164 -8.54 -21.61 -37.14
CA GLY A 164 -9.01 -20.23 -37.18
C GLY A 164 -10.03 -19.91 -36.11
N GLN A 165 -10.15 -20.78 -35.12
CA GLN A 165 -11.07 -20.54 -34.00
C GLN A 165 -10.28 -20.55 -32.69
N PRO A 166 -10.67 -19.67 -31.75
CA PRO A 166 -9.93 -19.53 -30.49
C PRO A 166 -10.01 -20.77 -29.58
N GLU A 167 -8.88 -21.15 -29.02
CA GLU A 167 -8.81 -22.15 -27.96
C GLU A 167 -8.64 -21.43 -26.63
N ASN A 168 -9.61 -21.58 -25.73
CA ASN A 168 -9.64 -20.78 -24.52
C ASN A 168 -9.13 -21.47 -23.25
N ASN A 169 -8.70 -22.72 -23.37
CA ASN A 169 -8.25 -23.47 -22.19
C ASN A 169 -6.77 -23.31 -21.93
N TYR A 170 -6.30 -22.06 -21.89
CA TYR A 170 -4.88 -21.80 -21.68
C TYR A 170 -4.63 -20.95 -20.44
N LYS A 171 -3.36 -20.90 -20.04
CA LYS A 171 -2.94 -20.00 -18.98
C LYS A 171 -1.54 -19.47 -19.31
N THR A 172 -1.32 -18.19 -19.03
CA THR A 172 -0.07 -17.53 -19.40
C THR A 172 0.62 -16.90 -18.19
N THR A 173 1.92 -17.13 -18.06
CA THR A 173 2.68 -16.56 -16.96
C THR A 173 2.86 -15.06 -17.15
N PRO A 174 3.10 -14.32 -16.05
CA PRO A 174 3.45 -12.91 -16.18
C PRO A 174 4.77 -12.74 -16.91
N PRO A 175 4.99 -11.58 -17.55
CA PRO A 175 6.30 -11.30 -18.13
C PRO A 175 7.37 -11.32 -17.06
N VAL A 176 8.55 -11.84 -17.40
CA VAL A 176 9.66 -11.89 -16.45
C VAL A 176 10.86 -11.13 -17.01
N LEU A 177 11.42 -10.24 -16.21
CA LEU A 177 12.60 -9.49 -16.62
C LEU A 177 13.79 -10.42 -16.78
N ASP A 178 14.33 -10.50 -17.99
CA ASP A 178 15.45 -11.39 -18.26
C ASP A 178 16.77 -10.66 -18.02
N SER A 179 17.87 -11.39 -18.19
CA SER A 179 19.20 -10.87 -17.86
C SER A 179 19.64 -9.72 -18.75
N ASP A 180 19.12 -9.69 -19.98
CA ASP A 180 19.55 -8.70 -20.96
C ASP A 180 18.65 -7.46 -20.99
N GLY A 181 17.68 -7.41 -20.08
CA GLY A 181 16.80 -6.27 -19.98
C GLY A 181 15.53 -6.40 -20.80
N SER A 182 15.34 -7.57 -21.40
CA SER A 182 14.12 -7.86 -22.14
C SER A 182 13.23 -8.78 -21.31
N PHE A 183 12.02 -9.02 -21.79
CA PHE A 183 11.09 -9.88 -21.06
C PHE A 183 10.90 -11.21 -21.77
N PHE A 184 10.45 -12.21 -21.02
CA PHE A 184 9.99 -13.46 -21.60
C PHE A 184 8.80 -13.98 -20.82
N LEU A 185 8.12 -14.98 -21.39
CA LEU A 185 6.99 -15.62 -20.73
C LEU A 185 6.63 -16.94 -21.40
N TYR A 186 5.78 -17.71 -20.73
CA TYR A 186 5.30 -18.97 -21.27
C TYR A 186 3.77 -19.02 -21.26
N SER A 187 3.18 -19.46 -22.36
CA SER A 187 1.75 -19.74 -22.37
C SER A 187 1.55 -21.25 -22.50
N ARG A 188 0.52 -21.76 -21.83
CA ARG A 188 0.28 -23.19 -21.78
C ARG A 188 -1.16 -23.53 -22.13
N LEU A 189 -1.36 -24.18 -23.27
CA LEU A 189 -2.68 -24.63 -23.68
C LEU A 189 -2.89 -26.08 -23.30
N THR A 190 -4.04 -26.38 -22.69
CA THR A 190 -4.36 -27.74 -22.30
C THR A 190 -5.49 -28.31 -23.14
N VAL A 191 -5.20 -29.40 -23.84
CA VAL A 191 -6.17 -30.03 -24.71
C VAL A 191 -6.26 -31.53 -24.43
N ASP A 192 -7.34 -32.16 -24.87
CA ASP A 192 -7.50 -33.60 -24.75
C ASP A 192 -6.41 -34.31 -25.53
N LYS A 193 -5.86 -35.36 -24.94
CA LYS A 193 -4.77 -36.11 -25.56
C LYS A 193 -5.13 -36.60 -26.95
N SER A 194 -6.39 -36.99 -27.14
CA SER A 194 -6.85 -37.53 -28.41
C SER A 194 -6.72 -36.48 -29.53
N ARG A 195 -7.08 -35.24 -29.23
CA ARG A 195 -6.98 -34.15 -30.21
C ARG A 195 -5.54 -33.99 -30.70
N TRP A 196 -4.59 -34.09 -29.77
CA TRP A 196 -3.18 -33.97 -30.13
C TRP A 196 -2.70 -35.18 -30.92
N GLN A 197 -3.20 -36.35 -30.56
CA GLN A 197 -2.82 -37.60 -31.24
C GLN A 197 -3.37 -37.65 -32.67
N GLU A 198 -4.56 -37.11 -32.88
CA GLU A 198 -5.19 -37.12 -34.18
C GLU A 198 -4.46 -36.23 -35.20
N GLY A 199 -3.50 -35.44 -34.70
CA GLY A 199 -2.67 -34.62 -35.57
C GLY A 199 -3.24 -33.25 -35.87
N ASN A 200 -4.17 -32.78 -35.03
CA ASN A 200 -4.74 -31.44 -35.18
C ASN A 200 -3.68 -30.35 -35.03
N VAL A 201 -3.77 -29.32 -35.86
CA VAL A 201 -2.80 -28.22 -35.78
C VAL A 201 -3.28 -27.15 -34.81
N PHE A 202 -2.42 -26.79 -33.87
CA PHE A 202 -2.71 -25.71 -32.93
C PHE A 202 -1.73 -24.57 -33.16
N SER A 203 -2.19 -23.34 -32.92
CA SER A 203 -1.36 -22.18 -33.16
C SER A 203 -1.28 -21.23 -31.97
N CYS A 204 -0.07 -20.72 -31.75
CA CYS A 204 0.17 -19.68 -30.76
C CYS A 204 0.30 -18.34 -31.48
N SER A 205 -0.60 -17.41 -31.17
CA SER A 205 -0.53 -16.08 -31.78
C SER A 205 -0.09 -15.03 -30.76
N VAL A 206 0.81 -14.16 -31.19
CA VAL A 206 1.38 -13.13 -30.31
C VAL A 206 1.24 -11.74 -30.92
N MET A 207 0.74 -10.79 -30.13
CA MET A 207 0.61 -9.40 -30.56
C MET A 207 1.54 -8.49 -29.76
N HIS A 208 2.35 -7.70 -30.46
CA HIS A 208 3.33 -6.82 -29.83
C HIS A 208 3.82 -5.78 -30.83
N GLU A 209 3.97 -4.54 -30.36
CA GLU A 209 4.27 -3.39 -31.22
C GLU A 209 5.55 -3.52 -32.04
N ALA A 210 6.48 -4.34 -31.56
CA ALA A 210 7.79 -4.45 -32.17
C ALA A 210 7.80 -5.49 -33.29
N LEU A 211 6.75 -6.29 -33.35
CA LEU A 211 6.60 -7.27 -34.42
C LEU A 211 6.21 -6.56 -35.71
N HIS A 212 6.60 -7.14 -36.84
CA HIS A 212 6.14 -6.66 -38.13
C HIS A 212 4.63 -6.86 -38.22
N ASN A 213 3.92 -5.79 -38.56
CA ASN A 213 2.45 -5.76 -38.54
C ASN A 213 1.87 -6.03 -37.16
N HIS A 214 2.72 -5.89 -36.14
CA HIS A 214 2.33 -6.06 -34.74
C HIS A 214 1.77 -7.45 -34.41
N TYR A 215 2.13 -8.44 -35.22
CA TYR A 215 1.54 -9.77 -35.07
C TYR A 215 2.42 -10.86 -35.68
N THR A 216 2.46 -12.00 -35.02
CA THR A 216 3.16 -13.18 -35.53
C THR A 216 2.44 -14.45 -35.09
N GLN A 217 2.74 -15.56 -35.75
CA GLN A 217 2.11 -16.84 -35.44
C GLN A 217 3.12 -17.98 -35.53
N LYS A 218 2.97 -18.96 -34.66
CA LYS A 218 3.76 -20.18 -34.74
C LYS A 218 2.84 -21.38 -34.53
N SER A 219 2.94 -22.36 -35.42
CA SER A 219 2.07 -23.53 -35.36
C SER A 219 2.70 -24.67 -34.60
N LEU A 220 1.89 -25.64 -34.20
CA LEU A 220 2.35 -26.80 -33.47
C LEU A 220 1.42 -27.98 -33.70
N SER A 221 1.98 -29.11 -34.10
CA SER A 221 1.20 -30.32 -34.33
C SER A 221 2.06 -31.56 -34.15
N LEU A 222 1.41 -32.71 -34.10
CA LEU A 222 2.10 -33.98 -33.93
C LEU A 222 2.97 -34.33 -35.14
N SER A 223 4.22 -34.69 -34.86
CA SER A 223 5.15 -35.07 -35.93
N PRO B 17 4.34 3.89 14.41
CA PRO B 17 5.20 2.76 14.06
C PRO B 17 4.42 1.64 13.39
N SER B 18 5.09 0.82 12.60
CA SER B 18 4.45 -0.30 11.91
C SER B 18 5.23 -1.60 12.10
N VAL B 19 4.54 -2.73 11.98
CA VAL B 19 5.16 -4.03 12.17
C VAL B 19 4.88 -4.98 11.01
N PHE B 20 5.95 -5.55 10.46
CA PHE B 20 5.80 -6.52 9.39
C PHE B 20 6.44 -7.84 9.76
N LEU B 21 5.73 -8.93 9.48
CA LEU B 21 6.22 -10.28 9.78
C LEU B 21 6.38 -11.07 8.48
N PHE B 22 7.59 -11.56 8.23
CA PHE B 22 7.88 -12.23 6.97
C PHE B 22 8.17 -13.72 7.11
N PRO B 23 7.62 -14.53 6.19
CA PRO B 23 7.84 -15.97 6.18
C PRO B 23 9.27 -16.31 5.78
N PRO B 24 9.75 -17.52 6.13
CA PRO B 24 11.05 -17.96 5.63
C PRO B 24 11.00 -18.18 4.12
N LYS B 25 12.14 -17.99 3.45
CA LYS B 25 12.23 -18.27 2.03
C LYS B 25 11.95 -19.76 1.79
N PRO B 26 11.12 -20.07 0.78
CA PRO B 26 10.72 -21.44 0.46
C PRO B 26 11.91 -22.39 0.31
N LYS B 27 13.03 -21.88 -0.19
CA LYS B 27 14.23 -22.69 -0.36
C LYS B 27 14.77 -23.19 0.98
N ASP B 28 14.98 -22.28 1.92
CA ASP B 28 15.53 -22.62 3.23
C ASP B 28 14.66 -23.65 3.96
N THR B 29 13.37 -23.65 3.63
CA THR B 29 12.40 -24.58 4.22
C THR B 29 12.71 -26.03 3.86
N LEU B 30 13.22 -26.21 2.64
CA LEU B 30 13.31 -27.55 2.05
C LEU B 30 14.74 -28.11 2.01
N MET B 31 15.72 -27.26 2.31
CA MET B 31 17.13 -27.69 2.32
C MET B 31 17.72 -27.67 3.72
N ILE B 32 18.21 -28.83 4.18
CA ILE B 32 18.77 -28.97 5.52
C ILE B 32 19.95 -28.04 5.79
N SER B 33 20.83 -27.90 4.80
CA SER B 33 22.04 -27.08 4.94
C SER B 33 21.71 -25.60 5.13
N ARG B 34 20.52 -25.20 4.68
CA ARG B 34 20.05 -23.83 4.87
C ARG B 34 19.21 -23.71 6.14
N THR B 35 19.16 -22.52 6.72
CA THR B 35 18.32 -22.27 7.90
C THR B 35 17.20 -21.29 7.57
N PRO B 36 15.96 -21.69 7.87
CA PRO B 36 14.78 -20.85 7.65
C PRO B 36 14.55 -19.87 8.81
N GLU B 37 14.19 -18.63 8.47
CA GLU B 37 13.96 -17.60 9.47
C GLU B 37 12.63 -16.89 9.28
N VAL B 38 11.95 -16.63 10.39
CA VAL B 38 10.78 -15.76 10.38
C VAL B 38 11.23 -14.40 10.90
N THR B 39 11.03 -13.37 10.10
CA THR B 39 11.57 -12.05 10.42
C THR B 39 10.50 -11.04 10.79
N CYS B 40 10.64 -10.46 11.98
CA CYS B 40 9.72 -9.42 12.45
C CYS B 40 10.42 -8.07 12.49
N VAL B 41 9.92 -7.11 11.74
CA VAL B 41 10.58 -5.82 11.60
C VAL B 41 9.66 -4.66 11.99
N VAL B 42 10.20 -3.70 12.75
CA VAL B 42 9.45 -2.54 13.17
C VAL B 42 10.01 -1.26 12.56
N VAL B 43 9.16 -0.53 11.85
CA VAL B 43 9.58 0.72 11.21
C VAL B 43 8.95 1.92 11.87
N ASP B 44 9.40 3.11 11.48
CA ASP B 44 8.88 4.38 12.00
C ASP B 44 8.96 4.45 13.52
N VAL B 45 10.15 4.24 14.06
CA VAL B 45 10.36 4.35 15.49
C VAL B 45 10.84 5.77 15.82
N SER B 46 10.07 6.48 16.64
CA SER B 46 10.37 7.86 17.01
C SER B 46 11.68 7.95 17.78
N GLN B 47 12.45 9.00 17.49
CA GLN B 47 13.71 9.25 18.19
C GLN B 47 13.48 9.50 19.67
N GLU B 48 12.31 10.02 20.01
CA GLU B 48 11.95 10.33 21.39
C GLU B 48 11.86 9.06 22.23
N ASP B 49 11.31 8.00 21.65
CA ASP B 49 11.19 6.71 22.34
C ASP B 49 11.64 5.57 21.44
N PRO B 50 12.95 5.27 21.43
CA PRO B 50 13.54 4.25 20.56
C PRO B 50 13.55 2.85 21.18
N GLU B 51 13.12 2.71 22.43
CA GLU B 51 13.14 1.42 23.10
C GLU B 51 12.05 0.49 22.59
N VAL B 52 12.47 -0.61 21.95
CA VAL B 52 11.53 -1.60 21.40
C VAL B 52 11.75 -2.97 22.02
N GLN B 53 10.65 -3.64 22.38
CA GLN B 53 10.71 -4.95 23.02
C GLN B 53 9.94 -6.00 22.22
N PHE B 54 10.58 -7.14 21.97
CA PHE B 54 9.93 -8.21 21.20
C PHE B 54 9.47 -9.36 22.09
N ASN B 55 8.42 -10.05 21.65
CA ASN B 55 7.96 -11.27 22.32
C ASN B 55 7.47 -12.29 21.29
N TRP B 56 8.20 -13.40 21.19
CA TRP B 56 7.92 -14.43 20.20
C TRP B 56 7.09 -15.58 20.77
N TYR B 57 6.20 -16.13 19.95
CA TYR B 57 5.34 -17.22 20.39
C TYR B 57 5.21 -18.31 19.32
N VAL B 58 5.74 -19.49 19.60
CA VAL B 58 5.61 -20.63 18.71
C VAL B 58 4.45 -21.51 19.18
N ASP B 59 3.35 -21.49 18.42
CA ASP B 59 2.13 -22.20 18.79
C ASP B 59 1.64 -21.80 20.18
N GLY B 60 1.71 -20.50 20.48
CA GLY B 60 1.24 -19.97 21.73
C GLY B 60 2.25 -20.08 22.87
N VAL B 61 3.42 -20.63 22.55
CA VAL B 61 4.47 -20.80 23.56
C VAL B 61 5.60 -19.81 23.34
N GLU B 62 5.89 -19.00 24.37
CA GLU B 62 6.94 -18.01 24.24
C GLU B 62 8.33 -18.63 24.18
N VAL B 63 9.05 -18.33 23.11
CA VAL B 63 10.43 -18.77 22.95
C VAL B 63 11.38 -17.59 23.16
N HIS B 64 12.64 -17.87 23.44
CA HIS B 64 13.59 -16.80 23.81
C HIS B 64 14.91 -16.85 23.04
N ASN B 65 15.00 -17.68 22.01
CA ASN B 65 16.24 -17.79 21.25
C ASN B 65 16.29 -16.89 20.02
N ALA B 66 15.45 -15.85 20.02
CA ALA B 66 15.41 -14.91 18.90
C ALA B 66 16.55 -13.92 18.97
N LYS B 67 17.08 -13.54 17.81
CA LYS B 67 18.19 -12.61 17.73
C LYS B 67 17.75 -11.28 17.13
N THR B 68 17.73 -10.24 17.97
CA THR B 68 17.31 -8.92 17.52
C THR B 68 18.50 -8.10 17.02
N LYS B 69 18.43 -7.69 15.75
CA LYS B 69 19.46 -6.84 15.16
C LYS B 69 19.35 -5.42 15.75
N PRO B 70 20.48 -4.70 15.82
CA PRO B 70 20.49 -3.38 16.44
C PRO B 70 19.66 -2.35 15.67
N ARG B 71 19.27 -1.27 16.36
CA ARG B 71 18.45 -0.22 15.75
C ARG B 71 19.24 0.51 14.68
N GLU B 72 18.70 0.51 13.46
CA GLU B 72 19.34 1.19 12.33
C GLU B 72 18.59 2.47 11.99
N GLU B 73 19.27 3.61 12.11
CA GLU B 73 18.66 4.90 11.82
C GLU B 73 18.40 5.06 10.32
N GLN B 74 17.27 5.67 9.98
CA GLN B 74 16.90 5.88 8.58
C GLN B 74 17.16 7.32 8.14
N PHE B 75 16.82 7.61 6.89
CA PHE B 75 17.03 8.96 6.34
C PHE B 75 16.12 9.99 7.00
N ASP B 76 14.90 9.57 7.33
CA ASP B 76 13.93 10.46 7.95
C ASP B 76 14.12 10.52 9.47
N SER B 77 15.33 10.19 9.90
CA SER B 77 15.73 10.24 11.32
C SER B 77 14.89 9.32 12.22
N THR B 78 14.19 8.36 11.61
CA THR B 78 13.46 7.34 12.36
C THR B 78 14.32 6.08 12.45
N TYR B 79 13.91 5.13 13.28
CA TYR B 79 14.68 3.89 13.42
C TYR B 79 14.01 2.70 12.72
N ARG B 80 14.75 1.60 12.66
CA ARG B 80 14.30 0.39 11.97
C ARG B 80 14.80 -0.85 12.70
N VAL B 81 13.99 -1.36 13.63
CA VAL B 81 14.40 -2.48 14.46
C VAL B 81 13.88 -3.81 13.89
N VAL B 82 14.75 -4.82 13.88
CA VAL B 82 14.41 -6.11 13.28
C VAL B 82 14.83 -7.28 14.17
N SER B 83 13.89 -8.18 14.44
CA SER B 83 14.18 -9.38 15.21
C SER B 83 13.99 -10.63 14.37
N VAL B 84 14.96 -11.54 14.45
CA VAL B 84 14.96 -12.74 13.61
C VAL B 84 14.84 -14.01 14.45
N LEU B 85 13.87 -14.85 14.10
CA LEU B 85 13.66 -16.12 14.80
C LEU B 85 13.91 -17.31 13.88
N THR B 86 14.97 -18.07 14.15
CA THR B 86 15.24 -19.30 13.39
C THR B 86 14.19 -20.35 13.74
N VAL B 87 13.62 -20.96 12.71
CA VAL B 87 12.59 -21.98 12.90
C VAL B 87 13.08 -23.34 12.47
N LEU B 88 12.52 -24.39 13.08
CA LEU B 88 12.85 -25.75 12.73
C LEU B 88 12.04 -26.19 11.52
N HIS B 89 12.72 -26.75 10.51
CA HIS B 89 12.08 -27.20 9.28
C HIS B 89 10.83 -28.02 9.56
N GLN B 90 10.96 -28.93 10.51
CA GLN B 90 9.87 -29.82 10.90
C GLN B 90 8.64 -29.05 11.37
N ASP B 91 8.87 -28.03 12.20
CA ASP B 91 7.79 -27.22 12.74
C ASP B 91 7.00 -26.48 11.67
N TRP B 92 7.72 -25.82 10.76
CA TRP B 92 7.07 -25.05 9.69
C TRP B 92 6.26 -25.93 8.76
N LEU B 93 6.78 -27.12 8.44
CA LEU B 93 6.08 -28.05 7.57
C LEU B 93 4.82 -28.59 8.23
N ASN B 94 4.85 -28.70 9.56
CA ASN B 94 3.73 -29.26 10.30
C ASN B 94 2.66 -28.21 10.60
N GLY B 95 2.94 -26.96 10.23
CA GLY B 95 1.94 -25.91 10.32
C GLY B 95 1.85 -25.20 11.66
N LYS B 96 2.95 -25.17 12.40
CA LYS B 96 2.98 -24.46 13.66
C LYS B 96 2.91 -22.95 13.44
N GLU B 97 2.14 -22.27 14.27
CA GLU B 97 1.98 -20.82 14.17
C GLU B 97 3.12 -20.09 14.84
N TYR B 98 3.50 -18.95 14.27
CA TYR B 98 4.55 -18.11 14.82
C TYR B 98 4.01 -16.69 15.04
N LYS B 99 4.07 -16.23 16.29
CA LYS B 99 3.49 -14.94 16.65
C LYS B 99 4.55 -13.94 17.11
N CYS B 100 4.51 -12.74 16.54
CA CYS B 100 5.43 -11.68 16.93
C CYS B 100 4.69 -10.54 17.62
N LYS B 101 5.08 -10.25 18.86
CA LYS B 101 4.48 -9.14 19.63
C LYS B 101 5.54 -8.10 19.99
N VAL B 102 5.30 -6.86 19.57
CA VAL B 102 6.26 -5.79 19.85
C VAL B 102 5.71 -4.78 20.86
N SER B 103 6.61 -4.11 21.55
CA SER B 103 6.24 -3.10 22.53
C SER B 103 7.12 -1.85 22.40
N ASN B 104 6.49 -0.69 22.57
CA ASN B 104 7.19 0.59 22.46
C ASN B 104 6.36 1.70 23.06
N LYS B 105 7.02 2.71 23.63
CA LYS B 105 6.34 3.82 24.27
C LYS B 105 5.63 4.70 23.25
N GLY B 106 5.94 4.51 21.97
CA GLY B 106 5.33 5.26 20.90
C GLY B 106 4.10 4.58 20.32
N LEU B 107 3.72 3.46 20.92
CA LEU B 107 2.53 2.73 20.50
C LEU B 107 1.47 2.74 21.60
N PRO B 108 0.19 2.89 21.20
CA PRO B 108 -0.94 2.85 22.15
C PRO B 108 -0.93 1.58 22.97
N SER B 109 -0.82 0.44 22.30
CA SER B 109 -0.63 -0.84 22.95
C SER B 109 0.26 -1.71 22.08
N SER B 110 0.50 -2.94 22.52
CA SER B 110 1.35 -3.86 21.77
C SER B 110 0.69 -4.32 20.48
N ILE B 111 1.52 -4.58 19.47
CA ILE B 111 1.03 -5.04 18.18
C ILE B 111 1.32 -6.52 18.02
N GLU B 112 0.32 -7.27 17.54
CA GLU B 112 0.48 -8.71 17.34
C GLU B 112 0.28 -9.11 15.88
N LYS B 113 1.14 -10.00 15.40
CA LYS B 113 1.02 -10.56 14.06
C LYS B 113 1.33 -12.05 14.08
N THR B 114 0.61 -12.83 13.29
CA THR B 114 0.79 -14.27 13.25
C THR B 114 0.94 -14.78 11.82
N ILE B 115 2.01 -15.54 11.59
CA ILE B 115 2.27 -16.12 10.28
C ILE B 115 2.41 -17.64 10.39
N SER B 116 2.07 -18.34 9.32
CA SER B 116 2.27 -19.79 9.24
C SER B 116 2.27 -20.24 7.79
N LYS B 117 2.47 -21.55 7.58
CA LYS B 117 2.43 -22.14 6.25
C LYS B 117 1.01 -22.08 5.68
N ALA B 118 0.92 -21.93 4.37
CA ALA B 118 -0.37 -21.95 3.68
C ALA B 118 -1.14 -23.24 3.96
N LYS B 119 -2.39 -23.11 4.37
CA LYS B 119 -3.21 -24.26 4.71
C LYS B 119 -3.91 -24.83 3.47
N GLY B 120 -4.25 -26.12 3.51
CA GLY B 120 -4.89 -26.80 2.39
C GLY B 120 -4.16 -28.08 2.02
N GLN B 121 -4.89 -29.07 1.51
CA GLN B 121 -4.31 -30.36 1.16
C GLN B 121 -3.21 -30.21 0.13
N PRO B 122 -1.97 -30.56 0.50
CA PRO B 122 -0.82 -30.43 -0.41
C PRO B 122 -0.97 -31.30 -1.65
N ARG B 123 -0.71 -30.71 -2.82
CA ARG B 123 -0.76 -31.43 -4.08
C ARG B 123 0.65 -31.61 -4.64
N GLU B 124 0.94 -32.80 -5.17
CA GLU B 124 2.25 -33.12 -5.73
C GLU B 124 2.42 -32.55 -7.13
N PRO B 125 3.55 -31.86 -7.37
CA PRO B 125 3.89 -31.31 -8.68
C PRO B 125 4.29 -32.37 -9.71
N GLN B 126 3.85 -32.19 -10.94
CA GLN B 126 4.33 -33.00 -12.05
C GLN B 126 5.40 -32.21 -12.79
N VAL B 127 6.51 -32.86 -13.13
CA VAL B 127 7.64 -32.18 -13.74
C VAL B 127 7.95 -32.73 -15.14
N TYR B 128 8.02 -31.85 -16.13
CA TYR B 128 8.30 -32.26 -17.50
C TYR B 128 9.38 -31.40 -18.14
N THR B 129 10.32 -32.04 -18.82
CA THR B 129 11.39 -31.32 -19.49
C THR B 129 11.14 -31.26 -21.00
N LEU B 130 11.31 -30.06 -21.56
CA LEU B 130 11.08 -29.84 -22.97
C LEU B 130 12.35 -29.34 -23.66
N PRO B 131 12.78 -30.05 -24.71
CA PRO B 131 13.95 -29.67 -25.51
C PRO B 131 13.71 -28.35 -26.24
N PRO B 132 14.78 -27.70 -26.72
CA PRO B 132 14.62 -26.44 -27.47
C PRO B 132 13.77 -26.62 -28.71
N SER B 133 13.21 -25.53 -29.22
CA SER B 133 12.58 -25.59 -30.53
C SER B 133 13.66 -25.74 -31.58
N GLN B 134 13.40 -26.54 -32.61
CA GLN B 134 14.34 -26.74 -33.70
C GLN B 134 14.63 -25.41 -34.40
N GLU B 135 13.69 -24.49 -34.31
CA GLU B 135 13.84 -23.17 -34.91
C GLU B 135 14.85 -22.31 -34.18
N GLU B 136 15.07 -22.59 -32.90
CA GLU B 136 16.00 -21.81 -32.09
C GLU B 136 17.44 -22.21 -32.40
N MET B 137 17.60 -23.33 -33.10
CA MET B 137 18.91 -23.91 -33.37
C MET B 137 19.80 -23.03 -34.26
N THR B 138 19.21 -21.99 -34.84
CA THR B 138 19.96 -21.05 -35.66
C THR B 138 20.66 -20.00 -34.80
N LYS B 139 20.28 -19.92 -33.53
CA LYS B 139 20.86 -18.95 -32.60
C LYS B 139 22.08 -19.52 -31.86
N ASN B 140 22.91 -18.64 -31.33
CA ASN B 140 24.12 -19.05 -30.62
C ASN B 140 23.82 -19.73 -29.29
N GLN B 141 22.66 -19.43 -28.71
CA GLN B 141 22.25 -20.01 -27.44
C GLN B 141 20.82 -20.53 -27.49
N VAL B 142 20.58 -21.68 -26.87
CA VAL B 142 19.27 -22.32 -26.91
C VAL B 142 18.61 -22.41 -25.54
N SER B 143 17.31 -22.71 -25.53
CA SER B 143 16.53 -22.71 -24.30
C SER B 143 16.03 -24.10 -23.90
N LEU B 144 16.39 -24.50 -22.68
CA LEU B 144 15.86 -25.73 -22.09
C LEU B 144 14.73 -25.36 -21.14
N THR B 145 13.60 -26.05 -21.26
CA THR B 145 12.41 -25.69 -20.50
C THR B 145 12.00 -26.77 -19.50
N CYS B 146 11.73 -26.35 -18.27
CA CYS B 146 11.20 -27.25 -17.26
C CYS B 146 9.79 -26.80 -16.87
N LEU B 147 8.82 -27.68 -17.08
CA LEU B 147 7.43 -27.40 -16.75
C LEU B 147 7.04 -28.08 -15.44
N VAL B 148 6.71 -27.27 -14.44
CA VAL B 148 6.26 -27.78 -13.16
C VAL B 148 4.81 -27.38 -12.93
N LYS B 149 3.93 -28.37 -12.85
CA LYS B 149 2.49 -28.09 -12.77
C LYS B 149 1.75 -28.96 -11.76
N GLY B 150 0.68 -28.40 -11.21
CA GLY B 150 -0.23 -29.14 -10.36
C GLY B 150 0.17 -29.21 -8.91
N PHE B 151 0.96 -28.25 -8.45
CA PHE B 151 1.44 -28.28 -7.07
C PHE B 151 0.73 -27.29 -6.16
N TYR B 152 0.60 -27.69 -4.90
CA TYR B 152 0.09 -26.83 -3.85
C TYR B 152 0.72 -27.27 -2.52
N PRO B 153 1.15 -26.32 -1.68
CA PRO B 153 1.09 -24.86 -1.86
C PRO B 153 2.10 -24.34 -2.88
N SER B 154 2.15 -23.02 -3.07
CA SER B 154 2.98 -22.42 -4.11
C SER B 154 4.44 -22.33 -3.70
N ASP B 155 4.74 -22.67 -2.45
CA ASP B 155 6.12 -22.68 -2.00
C ASP B 155 6.89 -23.79 -2.68
N ILE B 156 7.97 -23.43 -3.37
CA ILE B 156 8.67 -24.36 -4.23
C ILE B 156 10.05 -23.81 -4.59
N ALA B 157 10.96 -24.70 -4.99
CA ALA B 157 12.29 -24.29 -5.41
C ALA B 157 12.72 -25.07 -6.65
N VAL B 158 13.08 -24.34 -7.70
CA VAL B 158 13.51 -24.97 -8.93
C VAL B 158 14.94 -24.57 -9.27
N GLU B 159 15.76 -25.56 -9.61
CA GLU B 159 17.15 -25.34 -9.99
C GLU B 159 17.55 -26.21 -11.17
N TRP B 160 18.68 -25.89 -11.79
CA TRP B 160 19.21 -26.69 -12.88
C TRP B 160 20.59 -27.21 -12.55
N GLU B 161 20.97 -28.33 -13.15
CA GLU B 161 22.31 -28.88 -12.97
C GLU B 161 22.77 -29.72 -14.15
N SER B 162 24.06 -30.03 -14.17
CA SER B 162 24.65 -30.91 -15.17
C SER B 162 25.96 -31.46 -14.64
N ASN B 163 26.18 -32.76 -14.86
CA ASN B 163 27.33 -33.46 -14.29
C ASN B 163 27.43 -33.24 -12.78
N GLY B 164 26.28 -33.23 -12.12
CA GLY B 164 26.22 -33.05 -10.68
C GLY B 164 26.55 -31.64 -10.21
N GLN B 165 26.78 -30.73 -11.14
CA GLN B 165 27.14 -29.36 -10.80
C GLN B 165 26.08 -28.38 -11.26
N PRO B 166 25.79 -27.36 -10.44
CA PRO B 166 24.71 -26.40 -10.68
C PRO B 166 24.92 -25.51 -11.89
N GLU B 167 23.88 -25.35 -12.69
CA GLU B 167 23.87 -24.39 -13.80
C GLU B 167 23.06 -23.18 -13.38
N ASN B 168 23.69 -22.00 -13.40
CA ASN B 168 23.07 -20.82 -12.79
C ASN B 168 22.33 -19.91 -13.77
N ASN B 169 22.56 -20.10 -15.06
CA ASN B 169 21.99 -19.21 -16.06
C ASN B 169 20.53 -19.53 -16.40
N TYR B 170 19.65 -19.44 -15.40
CA TYR B 170 18.24 -19.71 -15.62
C TYR B 170 17.35 -18.64 -15.02
N LYS B 171 16.10 -18.60 -15.48
CA LYS B 171 15.09 -17.71 -14.92
C LYS B 171 13.78 -18.48 -14.80
N THR B 172 13.09 -18.31 -13.68
CA THR B 172 11.85 -19.04 -13.42
C THR B 172 10.68 -18.08 -13.28
N THR B 173 9.55 -18.42 -13.89
CA THR B 173 8.35 -17.62 -13.76
C THR B 173 7.78 -17.74 -12.36
N PRO B 174 7.04 -16.71 -11.92
CA PRO B 174 6.29 -16.82 -10.66
C PRO B 174 5.25 -17.93 -10.78
N PRO B 175 4.84 -18.51 -9.65
CA PRO B 175 3.77 -19.52 -9.67
C PRO B 175 2.47 -18.91 -10.16
N VAL B 176 1.83 -19.55 -11.13
CA VAL B 176 0.58 -19.04 -11.68
C VAL B 176 -0.58 -19.93 -11.24
N LEU B 177 -1.62 -19.31 -10.68
CA LEU B 177 -2.78 -20.05 -10.21
C LEU B 177 -3.53 -20.66 -11.39
N ASP B 178 -3.70 -21.98 -11.36
CA ASP B 178 -4.36 -22.67 -12.45
C ASP B 178 -5.85 -22.86 -12.13
N SER B 179 -6.57 -23.47 -13.06
CA SER B 179 -8.01 -23.63 -12.97
C SER B 179 -8.44 -24.50 -11.79
N ASP B 180 -7.72 -25.59 -11.57
CA ASP B 180 -8.07 -26.56 -10.54
C ASP B 180 -7.68 -26.11 -9.13
N GLY B 181 -7.16 -24.89 -9.02
CA GLY B 181 -6.77 -24.36 -7.74
C GLY B 181 -5.35 -24.74 -7.35
N SER B 182 -4.62 -25.34 -8.28
CA SER B 182 -3.21 -25.65 -8.07
C SER B 182 -2.36 -24.64 -8.82
N PHE B 183 -1.04 -24.76 -8.68
CA PHE B 183 -0.13 -23.82 -9.32
C PHE B 183 0.71 -24.48 -10.40
N PHE B 184 1.28 -23.66 -11.26
CA PHE B 184 2.25 -24.13 -12.24
C PHE B 184 3.24 -23.01 -12.54
N LEU B 185 4.38 -23.37 -13.12
CA LEU B 185 5.38 -22.40 -13.53
C LEU B 185 6.31 -23.01 -14.56
N TYR B 186 7.10 -22.17 -15.21
CA TYR B 186 8.12 -22.64 -16.14
C TYR B 186 9.49 -22.13 -15.72
N SER B 187 10.51 -22.97 -15.90
CA SER B 187 11.89 -22.55 -15.68
C SER B 187 12.68 -22.71 -16.96
N ARG B 188 13.38 -21.65 -17.34
CA ARG B 188 14.12 -21.64 -18.60
C ARG B 188 15.61 -21.51 -18.38
N LEU B 189 16.35 -22.54 -18.77
CA LEU B 189 17.81 -22.50 -18.68
C LEU B 189 18.41 -22.22 -20.06
N THR B 190 19.25 -21.19 -20.12
CA THR B 190 19.88 -20.83 -21.38
C THR B 190 21.31 -21.36 -21.45
N VAL B 191 21.59 -22.15 -22.48
CA VAL B 191 22.91 -22.74 -22.66
C VAL B 191 23.43 -22.53 -24.08
N ASP B 192 24.76 -22.57 -24.24
CA ASP B 192 25.38 -22.46 -25.55
C ASP B 192 24.91 -23.60 -26.44
N LYS B 193 24.69 -23.31 -27.72
CA LYS B 193 24.19 -24.31 -28.67
C LYS B 193 25.08 -25.56 -28.70
N SER B 194 26.39 -25.33 -28.61
CA SER B 194 27.39 -26.38 -28.72
C SER B 194 27.23 -27.45 -27.64
N ARG B 195 27.12 -27.02 -26.39
CA ARG B 195 26.97 -27.93 -25.26
C ARG B 195 25.77 -28.85 -25.42
N TRP B 196 24.68 -28.30 -25.96
CA TRP B 196 23.47 -29.07 -26.18
C TRP B 196 23.65 -30.06 -27.33
N GLN B 197 24.29 -29.61 -28.40
CA GLN B 197 24.42 -30.41 -29.61
C GLN B 197 25.34 -31.62 -29.45
N GLU B 198 26.29 -31.53 -28.53
CA GLU B 198 27.24 -32.62 -28.33
C GLU B 198 26.79 -33.57 -27.20
N GLY B 199 25.50 -33.55 -26.93
CA GLY B 199 24.88 -34.55 -26.06
C GLY B 199 25.05 -34.42 -24.56
N ASN B 200 25.36 -33.22 -24.08
CA ASN B 200 25.47 -33.01 -22.64
C ASN B 200 24.12 -33.15 -21.95
N VAL B 201 24.08 -33.95 -20.90
CA VAL B 201 22.84 -34.20 -20.18
C VAL B 201 22.59 -33.16 -19.09
N PHE B 202 21.45 -32.47 -19.20
CA PHE B 202 21.05 -31.48 -18.21
C PHE B 202 19.88 -32.00 -17.37
N SER B 203 19.80 -31.53 -16.13
CA SER B 203 18.73 -31.94 -15.24
C SER B 203 18.02 -30.75 -14.59
N CYS B 204 16.71 -30.91 -14.42
CA CYS B 204 15.89 -29.94 -13.72
C CYS B 204 15.43 -30.55 -12.41
N SER B 205 15.82 -29.95 -11.29
CA SER B 205 15.44 -30.49 -9.98
C SER B 205 14.44 -29.58 -9.27
N VAL B 206 13.44 -30.20 -8.65
CA VAL B 206 12.39 -29.48 -7.96
C VAL B 206 12.29 -29.92 -6.51
N MET B 207 12.18 -28.94 -5.60
CA MET B 207 11.96 -29.21 -4.19
C MET B 207 10.56 -28.73 -3.79
N HIS B 208 9.76 -29.63 -3.23
CA HIS B 208 8.40 -29.30 -2.82
C HIS B 208 7.94 -30.29 -1.76
N GLU B 209 7.20 -29.79 -0.76
CA GLU B 209 6.85 -30.59 0.41
C GLU B 209 5.97 -31.80 0.08
N ALA B 210 5.30 -31.76 -1.07
CA ALA B 210 4.37 -32.82 -1.42
C ALA B 210 5.03 -33.94 -2.21
N LEU B 211 6.24 -33.70 -2.68
CA LEU B 211 7.01 -34.74 -3.37
C LEU B 211 7.51 -35.76 -2.37
N HIS B 212 7.56 -37.03 -2.79
CA HIS B 212 8.21 -38.06 -2.01
C HIS B 212 9.66 -37.66 -1.78
N ASN B 213 10.07 -37.65 -0.51
CA ASN B 213 11.39 -37.16 -0.10
C ASN B 213 11.59 -35.67 -0.41
N HIS B 214 10.50 -34.98 -0.69
CA HIS B 214 10.50 -33.53 -0.96
C HIS B 214 11.38 -33.14 -2.15
N TYR B 215 11.66 -34.08 -3.04
CA TYR B 215 12.63 -33.84 -4.10
C TYR B 215 12.43 -34.78 -5.29
N THR B 216 12.54 -34.22 -6.49
CA THR B 216 12.56 -35.01 -7.71
C THR B 216 13.36 -34.26 -8.77
N GLN B 217 13.81 -34.98 -9.78
CA GLN B 217 14.46 -34.31 -10.90
C GLN B 217 14.20 -35.04 -12.20
N LYS B 218 14.30 -34.30 -13.30
CA LYS B 218 14.08 -34.85 -14.62
C LYS B 218 15.24 -34.48 -15.53
N SER B 219 15.70 -35.45 -16.33
CA SER B 219 16.83 -35.23 -17.21
C SER B 219 16.39 -34.71 -18.57
N LEU B 220 17.36 -34.25 -19.34
CA LEU B 220 17.10 -33.67 -20.65
C LEU B 220 18.37 -33.65 -21.47
N SER B 221 18.34 -34.30 -22.63
CA SER B 221 19.50 -34.35 -23.51
C SER B 221 19.09 -34.64 -24.95
N LEU B 222 19.97 -34.33 -25.88
CA LEU B 222 19.70 -34.51 -27.30
C LEU B 222 19.72 -35.99 -27.70
N GLY C 16 -4.64 -12.23 -7.73
CA GLY C 16 -5.83 -12.82 -7.15
C GLY C 16 -6.58 -11.85 -6.26
N PRO C 17 -7.77 -12.26 -5.78
CA PRO C 17 -8.60 -11.43 -4.91
C PRO C 17 -7.99 -11.23 -3.53
N SER C 18 -8.29 -10.09 -2.90
CA SER C 18 -7.80 -9.79 -1.56
C SER C 18 -8.94 -9.35 -0.64
N VAL C 19 -8.75 -9.53 0.66
CA VAL C 19 -9.81 -9.30 1.64
C VAL C 19 -9.45 -8.23 2.67
N PHE C 20 -10.43 -7.38 2.97
CA PHE C 20 -10.28 -6.38 4.03
C PHE C 20 -11.39 -6.54 5.06
N LEU C 21 -11.07 -6.24 6.32
CA LEU C 21 -12.05 -6.35 7.39
C LEU C 21 -12.11 -5.04 8.19
N PHE C 22 -13.31 -4.51 8.39
CA PHE C 22 -13.48 -3.21 9.02
C PHE C 22 -14.28 -3.27 10.32
N PRO C 23 -13.83 -2.54 11.35
CA PRO C 23 -14.49 -2.47 12.65
C PRO C 23 -15.80 -1.70 12.58
N PRO C 24 -16.66 -1.84 13.61
CA PRO C 24 -17.88 -1.03 13.67
C PRO C 24 -17.55 0.43 13.99
N LYS C 25 -18.39 1.36 13.53
CA LYS C 25 -18.19 2.77 13.82
C LYS C 25 -18.32 3.02 15.31
N PRO C 26 -17.39 3.81 15.89
CA PRO C 26 -17.34 4.13 17.32
C PRO C 26 -18.68 4.57 17.89
N LYS C 27 -19.44 5.36 17.14
CA LYS C 27 -20.72 5.85 17.60
C LYS C 27 -21.75 4.72 17.68
N ASP C 28 -21.65 3.77 16.74
CA ASP C 28 -22.58 2.64 16.71
C ASP C 28 -22.42 1.72 17.91
N THR C 29 -21.23 1.67 18.47
CA THR C 29 -20.94 0.77 19.59
C THR C 29 -21.34 1.35 20.94
N LEU C 30 -21.57 2.66 20.99
CA LEU C 30 -21.83 3.33 22.26
C LEU C 30 -23.31 3.64 22.47
N MET C 31 -23.97 4.07 21.41
CA MET C 31 -25.40 4.40 21.48
C MET C 31 -26.24 3.17 21.16
N ILE C 32 -27.02 2.71 22.14
CA ILE C 32 -27.84 1.51 21.98
C ILE C 32 -28.89 1.66 20.87
N SER C 33 -29.19 2.90 20.50
CA SER C 33 -30.16 3.19 19.45
C SER C 33 -29.68 2.65 18.11
N ARG C 34 -28.39 2.83 17.84
CA ARG C 34 -27.80 2.36 16.60
C ARG C 34 -27.32 0.92 16.74
N THR C 35 -27.00 0.29 15.61
CA THR C 35 -26.54 -1.09 15.61
C THR C 35 -25.20 -1.24 14.88
N PRO C 36 -24.16 -1.68 15.60
CA PRO C 36 -22.80 -1.79 15.08
C PRO C 36 -22.60 -3.02 14.19
N GLU C 37 -21.68 -2.93 13.24
CA GLU C 37 -21.47 -4.02 12.30
C GLU C 37 -20.02 -4.11 11.81
N VAL C 38 -19.52 -5.33 11.71
CA VAL C 38 -18.20 -5.58 11.12
C VAL C 38 -18.40 -5.92 9.64
N THR C 39 -17.51 -5.42 8.79
CA THR C 39 -17.69 -5.56 7.35
C THR C 39 -16.51 -6.25 6.66
N CYS C 40 -16.80 -7.33 5.96
CA CYS C 40 -15.77 -8.10 5.26
C CYS C 40 -15.87 -7.86 3.75
N VAL C 41 -14.84 -7.26 3.17
CA VAL C 41 -14.86 -6.88 1.76
C VAL C 41 -13.92 -7.76 0.92
N VAL C 42 -14.43 -8.24 -0.20
CA VAL C 42 -13.62 -9.00 -1.15
C VAL C 42 -13.60 -8.32 -2.51
N VAL C 43 -12.40 -7.96 -2.97
CA VAL C 43 -12.24 -7.27 -4.24
C VAL C 43 -11.46 -8.11 -5.25
N ASP C 44 -11.33 -7.59 -6.47
CA ASP C 44 -10.60 -8.24 -7.55
C ASP C 44 -11.09 -9.66 -7.82
N VAL C 45 -12.40 -9.83 -7.87
CA VAL C 45 -12.99 -11.13 -8.16
C VAL C 45 -13.06 -11.35 -9.68
N SER C 46 -12.33 -12.35 -10.16
CA SER C 46 -12.27 -12.64 -11.59
C SER C 46 -13.64 -12.95 -12.17
N GLN C 47 -13.89 -12.50 -13.38
CA GLN C 47 -15.19 -12.70 -14.04
C GLN C 47 -15.48 -14.18 -14.29
N GLU C 48 -14.43 -15.00 -14.27
CA GLU C 48 -14.56 -16.43 -14.53
C GLU C 48 -14.75 -17.23 -13.24
N ASP C 49 -14.83 -16.54 -12.12
CA ASP C 49 -15.05 -17.20 -10.83
C ASP C 49 -15.60 -16.23 -9.78
N PRO C 50 -16.91 -15.96 -9.83
CA PRO C 50 -17.54 -15.01 -8.91
C PRO C 50 -18.18 -15.67 -7.68
N GLU C 51 -18.06 -16.98 -7.56
CA GLU C 51 -18.69 -17.71 -6.44
C GLU C 51 -17.86 -17.59 -5.16
N VAL C 52 -18.40 -16.87 -4.18
CA VAL C 52 -17.69 -16.62 -2.93
C VAL C 52 -18.53 -16.98 -1.69
N GLN C 53 -17.96 -17.75 -0.79
CA GLN C 53 -18.62 -18.10 0.48
C GLN C 53 -17.94 -17.41 1.66
N PHE C 54 -18.73 -17.08 2.67
CA PHE C 54 -18.20 -16.40 3.86
C PHE C 54 -18.38 -17.22 5.13
N ASN C 55 -17.42 -17.09 6.04
CA ASN C 55 -17.49 -17.75 7.34
C ASN C 55 -17.12 -16.78 8.46
N TRP C 56 -18.05 -16.54 9.38
CA TRP C 56 -17.81 -15.61 10.48
C TRP C 56 -17.59 -16.35 11.80
N TYR C 57 -16.65 -15.85 12.59
CA TYR C 57 -16.33 -16.47 13.88
C TYR C 57 -16.22 -15.44 14.98
N VAL C 58 -16.87 -15.72 16.12
CA VAL C 58 -16.76 -14.85 17.28
C VAL C 58 -16.05 -15.59 18.42
N ASP C 59 -14.82 -15.18 18.69
CA ASP C 59 -13.95 -15.84 19.67
C ASP C 59 -13.80 -17.33 19.37
N GLY C 60 -13.68 -17.66 18.09
CA GLY C 60 -13.51 -19.05 17.68
C GLY C 60 -14.81 -19.75 17.33
N VAL C 61 -15.92 -19.22 17.86
CA VAL C 61 -17.23 -19.81 17.61
C VAL C 61 -17.88 -19.23 16.37
N GLU C 62 -18.28 -20.09 15.44
CA GLU C 62 -18.88 -19.65 14.19
C GLU C 62 -20.31 -19.14 14.39
N VAL C 63 -20.63 -18.03 13.73
CA VAL C 63 -21.99 -17.49 13.75
C VAL C 63 -22.55 -17.46 12.33
N HIS C 64 -23.86 -17.26 12.21
CA HIS C 64 -24.52 -17.36 10.91
C HIS C 64 -25.49 -16.23 10.62
N ASN C 65 -25.53 -15.22 11.49
CA ASN C 65 -26.48 -14.12 11.35
C ASN C 65 -25.95 -12.97 10.49
N ALA C 66 -25.14 -13.29 9.49
CA ALA C 66 -24.56 -12.27 8.62
C ALA C 66 -25.29 -12.21 7.28
N LYS C 67 -25.41 -11.00 6.75
CA LYS C 67 -26.07 -10.79 5.47
C LYS C 67 -25.06 -10.44 4.38
N THR C 68 -25.14 -11.13 3.24
CA THR C 68 -24.17 -10.94 2.16
C THR C 68 -24.79 -10.24 0.96
N LYS C 69 -24.21 -9.09 0.60
CA LYS C 69 -24.63 -8.32 -0.56
C LYS C 69 -24.23 -9.04 -1.86
N PRO C 70 -24.95 -8.77 -2.96
CA PRO C 70 -24.63 -9.44 -4.23
C PRO C 70 -23.32 -8.98 -4.84
N ARG C 71 -22.82 -9.72 -5.83
CA ARG C 71 -21.55 -9.39 -6.48
C ARG C 71 -21.69 -8.21 -7.44
N GLU C 72 -21.23 -7.05 -7.01
CA GLU C 72 -21.23 -5.87 -7.87
C GLU C 72 -19.99 -5.84 -8.76
N GLU C 73 -20.20 -5.57 -10.04
CA GLU C 73 -19.11 -5.51 -11.02
C GLU C 73 -18.39 -4.18 -10.96
N GLN C 74 -17.08 -4.19 -11.20
CA GLN C 74 -16.33 -2.93 -11.25
C GLN C 74 -15.95 -2.60 -12.69
N PHE C 75 -15.43 -1.39 -12.89
CA PHE C 75 -14.87 -0.99 -14.17
C PHE C 75 -13.73 -1.92 -14.56
N ASP C 76 -13.05 -2.43 -13.54
CA ASP C 76 -11.87 -3.28 -13.66
C ASP C 76 -12.18 -4.63 -14.32
N SER C 77 -13.45 -4.85 -14.63
CA SER C 77 -13.97 -6.14 -15.11
C SER C 77 -13.86 -7.22 -14.03
N THR C 78 -13.48 -6.78 -12.83
CA THR C 78 -13.46 -7.64 -11.64
C THR C 78 -14.64 -7.29 -10.75
N TYR C 79 -14.96 -8.14 -9.79
CA TYR C 79 -16.17 -7.96 -8.98
C TYR C 79 -15.85 -7.65 -7.52
N ARG C 80 -16.85 -7.14 -6.79
CA ARG C 80 -16.68 -6.78 -5.39
C ARG C 80 -17.83 -7.33 -4.55
N VAL C 81 -17.51 -8.22 -3.62
CA VAL C 81 -18.53 -8.85 -2.78
C VAL C 81 -18.35 -8.42 -1.33
N VAL C 82 -19.44 -7.99 -0.70
CA VAL C 82 -19.37 -7.44 0.65
C VAL C 82 -20.26 -8.21 1.63
N SER C 83 -19.68 -8.61 2.75
CA SER C 83 -20.42 -9.30 3.80
C SER C 83 -20.48 -8.44 5.07
N VAL C 84 -21.64 -8.39 5.69
CA VAL C 84 -21.84 -7.57 6.88
C VAL C 84 -22.40 -8.37 8.05
N LEU C 85 -21.71 -8.31 9.18
CA LEU C 85 -22.14 -9.02 10.39
C LEU C 85 -22.54 -8.06 11.50
N THR C 86 -23.75 -8.23 12.02
CA THR C 86 -24.22 -7.42 13.15
C THR C 86 -23.63 -7.97 14.45
N VAL C 87 -23.09 -7.08 15.27
CA VAL C 87 -22.46 -7.48 16.51
C VAL C 87 -23.16 -6.88 17.72
N LEU C 88 -23.04 -7.55 18.86
CA LEU C 88 -23.63 -7.07 20.11
C LEU C 88 -22.74 -6.00 20.73
N HIS C 89 -23.35 -4.92 21.19
CA HIS C 89 -22.64 -3.77 21.73
C HIS C 89 -21.62 -4.13 22.81
N GLN C 90 -22.04 -4.95 23.77
CA GLN C 90 -21.16 -5.32 24.88
C GLN C 90 -20.08 -6.31 24.46
N ASP C 91 -20.33 -7.07 23.40
CA ASP C 91 -19.36 -8.02 22.88
C ASP C 91 -18.10 -7.31 22.41
N TRP C 92 -18.28 -6.26 21.62
CA TRP C 92 -17.16 -5.51 21.07
C TRP C 92 -16.43 -4.72 22.15
N LEU C 93 -17.16 -4.30 23.18
CA LEU C 93 -16.57 -3.51 24.27
C LEU C 93 -15.75 -4.37 25.23
N ASN C 94 -15.91 -5.69 25.13
CA ASN C 94 -15.18 -6.60 26.01
C ASN C 94 -13.95 -7.19 25.32
N GLY C 95 -13.81 -6.94 24.02
CA GLY C 95 -12.63 -7.36 23.29
C GLY C 95 -12.80 -8.67 22.54
N LYS C 96 -14.04 -9.06 22.30
CA LYS C 96 -14.32 -10.28 21.54
C LYS C 96 -13.73 -10.21 20.14
N GLU C 97 -13.21 -11.33 19.64
CA GLU C 97 -12.54 -11.36 18.36
C GLU C 97 -13.46 -11.79 17.23
N TYR C 98 -13.43 -11.02 16.14
CA TYR C 98 -14.29 -11.29 14.99
C TYR C 98 -13.45 -11.67 13.78
N LYS C 99 -13.55 -12.94 13.37
CA LYS C 99 -12.77 -13.45 12.27
C LYS C 99 -13.64 -13.70 11.04
N CYS C 100 -13.08 -13.42 9.87
CA CYS C 100 -13.78 -13.57 8.61
C CYS C 100 -12.99 -14.46 7.66
N LYS C 101 -13.55 -15.60 7.29
CA LYS C 101 -12.88 -16.52 6.37
C LYS C 101 -13.53 -16.50 5.00
N VAL C 102 -12.72 -16.30 3.96
CA VAL C 102 -13.22 -16.18 2.60
C VAL C 102 -12.63 -17.25 1.69
N SER C 103 -13.48 -17.92 0.93
CA SER C 103 -13.03 -18.93 -0.02
C SER C 103 -13.62 -18.70 -1.41
N ASN C 104 -12.75 -18.45 -2.38
CA ASN C 104 -13.18 -18.17 -3.75
C ASN C 104 -12.73 -19.25 -4.72
N LEU C 107 -11.03 -25.94 -4.33
CA LEU C 107 -10.25 -24.72 -4.11
C LEU C 107 -9.83 -24.58 -2.64
N PRO C 108 -8.77 -25.29 -2.24
CA PRO C 108 -8.29 -25.28 -0.87
C PRO C 108 -7.38 -24.09 -0.56
N SER C 109 -7.82 -22.88 -0.86
CA SER C 109 -7.01 -21.68 -0.65
C SER C 109 -7.85 -20.53 -0.11
N SER C 110 -8.09 -20.53 1.20
CA SER C 110 -8.94 -19.52 1.82
C SER C 110 -8.12 -18.49 2.61
N ILE C 111 -8.62 -17.26 2.64
CA ILE C 111 -7.93 -16.18 3.34
C ILE C 111 -8.69 -15.75 4.59
N GLU C 112 -7.97 -15.60 5.70
CA GLU C 112 -8.59 -15.23 6.97
C GLU C 112 -8.19 -13.83 7.43
N LYS C 113 -9.15 -13.08 7.94
CA LYS C 113 -8.89 -11.79 8.57
C LYS C 113 -9.61 -11.71 9.92
N THR C 114 -8.95 -11.13 10.91
CA THR C 114 -9.47 -11.10 12.27
C THR C 114 -9.22 -9.76 12.96
N ILE C 115 -10.26 -9.22 13.61
CA ILE C 115 -10.18 -7.91 14.24
C ILE C 115 -10.96 -7.86 15.56
N SER C 116 -10.48 -7.03 16.49
CA SER C 116 -11.15 -6.83 17.77
C SER C 116 -10.90 -5.43 18.30
N LYS C 117 -11.44 -5.14 19.48
CA LYS C 117 -11.22 -3.84 20.11
C LYS C 117 -9.81 -3.77 20.69
N ALA C 118 -9.25 -2.57 20.68
CA ALA C 118 -7.89 -2.35 21.18
C ALA C 118 -7.72 -2.80 22.62
N LYS C 119 -6.65 -3.53 22.89
CA LYS C 119 -6.39 -4.04 24.24
C LYS C 119 -5.95 -2.92 25.18
N GLY C 120 -6.34 -3.01 26.44
CA GLY C 120 -5.97 -2.02 27.43
C GLY C 120 -7.13 -1.59 28.32
N GLN C 121 -6.80 -0.98 29.46
CA GLN C 121 -7.83 -0.51 30.39
C GLN C 121 -8.34 0.87 30.01
N PRO C 122 -9.68 1.00 29.89
CA PRO C 122 -10.32 2.27 29.54
C PRO C 122 -10.06 3.37 30.57
N ARG C 123 -9.86 4.59 30.08
CA ARG C 123 -9.69 5.76 30.94
C ARG C 123 -10.65 6.85 30.46
N GLU C 124 -11.49 7.37 31.36
CA GLU C 124 -12.51 8.32 30.94
C GLU C 124 -11.91 9.67 30.58
N PRO C 125 -12.46 10.31 29.53
CA PRO C 125 -11.97 11.59 29.02
C PRO C 125 -12.41 12.79 29.85
N GLN C 126 -11.53 13.79 29.96
CA GLN C 126 -11.88 15.06 30.56
C GLN C 126 -12.27 16.03 29.44
N VAL C 127 -13.43 16.67 29.58
CA VAL C 127 -13.95 17.57 28.56
C VAL C 127 -13.94 19.02 29.03
N TYR C 128 -13.26 19.88 28.27
CA TYR C 128 -13.20 21.29 28.59
C TYR C 128 -13.59 22.17 27.40
N THR C 129 -14.51 23.09 27.64
CA THR C 129 -14.97 24.01 26.59
C THR C 129 -14.23 25.35 26.67
N LEU C 130 -13.63 25.76 25.56
CA LEU C 130 -12.86 26.99 25.51
C LEU C 130 -13.52 28.00 24.57
N PRO C 131 -13.72 29.24 25.05
CA PRO C 131 -14.33 30.32 24.25
C PRO C 131 -13.34 30.89 23.24
N PRO C 132 -13.84 31.57 22.20
CA PRO C 132 -12.97 32.18 21.20
C PRO C 132 -12.10 33.29 21.77
N SER C 133 -10.84 33.34 21.33
CA SER C 133 -9.93 34.40 21.71
C SER C 133 -10.51 35.76 21.32
N GLN C 134 -10.25 36.78 22.13
CA GLN C 134 -10.78 38.12 21.85
C GLN C 134 -10.24 38.68 20.54
N GLU C 135 -9.06 38.21 20.14
CA GLU C 135 -8.44 38.65 18.89
C GLU C 135 -9.22 38.15 17.68
N GLU C 136 -10.03 37.12 17.88
CA GLU C 136 -10.81 36.53 16.79
C GLU C 136 -12.12 37.29 16.58
N MET C 137 -12.45 38.19 17.51
CA MET C 137 -13.70 38.93 17.44
C MET C 137 -13.74 39.93 16.28
N THR C 138 -12.59 40.14 15.65
CA THR C 138 -12.51 41.04 14.51
C THR C 138 -12.95 40.34 13.22
N LYS C 139 -13.24 39.04 13.31
CA LYS C 139 -13.69 38.28 12.15
C LYS C 139 -15.21 38.13 12.14
N ASN C 140 -15.75 37.70 11.01
CA ASN C 140 -17.20 37.56 10.85
C ASN C 140 -17.72 36.28 11.51
N GLN C 141 -16.84 35.30 11.65
CA GLN C 141 -17.17 34.07 12.35
C GLN C 141 -16.13 33.73 13.40
N VAL C 142 -16.56 33.05 14.46
CA VAL C 142 -15.66 32.74 15.57
C VAL C 142 -15.56 31.23 15.78
N SER C 143 -14.60 30.81 16.62
CA SER C 143 -14.36 29.40 16.87
C SER C 143 -14.63 29.01 18.31
N LEU C 144 -15.48 28.01 18.49
CA LEU C 144 -15.72 27.44 19.82
C LEU C 144 -14.93 26.15 19.96
N THR C 145 -14.04 26.10 20.96
CA THR C 145 -13.11 24.99 21.09
C THR C 145 -13.52 24.02 22.20
N CYS C 146 -13.54 22.73 21.87
CA CYS C 146 -13.82 21.69 22.85
C CYS C 146 -12.64 20.74 22.97
N LEU C 147 -11.98 20.77 24.13
CA LEU C 147 -10.83 19.92 24.38
C LEU C 147 -11.21 18.64 25.11
N VAL C 148 -10.88 17.50 24.51
CA VAL C 148 -11.12 16.21 25.12
C VAL C 148 -9.80 15.47 25.31
N LYS C 149 -9.42 15.23 26.56
CA LYS C 149 -8.11 14.64 26.83
C LYS C 149 -8.15 13.47 27.81
N GLY C 150 -7.03 12.77 27.89
CA GLY C 150 -6.85 11.69 28.86
C GLY C 150 -7.80 10.52 28.70
N PHE C 151 -8.03 10.08 27.47
CA PHE C 151 -8.93 8.95 27.24
C PHE C 151 -8.27 7.79 26.52
N TYR C 152 -8.77 6.59 26.79
CA TYR C 152 -8.31 5.37 26.14
C TYR C 152 -9.44 4.35 26.10
N PRO C 153 -9.60 3.63 24.97
CA PRO C 153 -8.83 3.73 23.73
C PRO C 153 -9.27 4.93 22.88
N SER C 154 -8.72 5.04 21.66
CA SER C 154 -8.96 6.20 20.81
C SER C 154 -10.37 6.25 20.24
N ASP C 155 -11.13 5.17 20.43
CA ASP C 155 -12.51 5.12 19.97
C ASP C 155 -13.36 6.18 20.67
N ILE C 156 -13.81 7.17 19.91
CA ILE C 156 -14.58 8.27 20.49
C ILE C 156 -15.39 9.01 19.42
N ALA C 157 -16.44 9.70 19.85
CA ALA C 157 -17.30 10.47 18.94
C ALA C 157 -17.67 11.81 19.56
N VAL C 158 -17.63 12.87 18.75
CA VAL C 158 -17.87 14.22 19.23
C VAL C 158 -18.90 14.96 18.37
N GLU C 159 -19.91 15.55 19.01
CA GLU C 159 -20.94 16.31 18.31
C GLU C 159 -21.19 17.67 18.97
N TRP C 160 -21.93 18.53 18.28
CA TRP C 160 -22.29 19.85 18.81
C TRP C 160 -23.79 20.10 18.71
N GLU C 161 -24.37 20.58 19.80
CA GLU C 161 -25.78 20.97 19.81
C GLU C 161 -25.93 22.42 20.25
N SER C 162 -27.03 23.04 19.85
CA SER C 162 -27.33 24.42 20.25
C SER C 162 -28.83 24.59 20.42
N ASN C 163 -29.24 24.86 21.66
CA ASN C 163 -30.65 24.96 22.02
C ASN C 163 -31.42 23.69 21.63
N GLY C 164 -30.75 22.56 21.73
CA GLY C 164 -31.35 21.28 21.38
C GLY C 164 -31.06 20.86 19.94
N GLN C 165 -31.15 21.81 19.02
CA GLN C 165 -30.90 21.52 17.61
C GLN C 165 -29.41 21.30 17.32
N PRO C 166 -29.10 20.31 16.48
CA PRO C 166 -27.72 19.94 16.13
C PRO C 166 -26.99 21.00 15.32
N GLU C 167 -25.69 21.17 15.59
CA GLU C 167 -24.82 22.03 14.81
C GLU C 167 -23.91 21.17 13.95
N ASN C 168 -23.68 21.57 12.71
CA ASN C 168 -22.93 20.75 11.77
C ASN C 168 -21.64 21.40 11.25
N ASN C 169 -21.46 22.69 11.50
CA ASN C 169 -20.30 23.41 10.96
C ASN C 169 -19.08 23.28 11.86
N TYR C 170 -18.71 22.03 12.18
CA TYR C 170 -17.54 21.78 13.01
C TYR C 170 -16.58 20.79 12.37
N LYS C 171 -15.37 20.72 12.92
CA LYS C 171 -14.33 19.83 12.45
C LYS C 171 -13.55 19.29 13.64
N THR C 172 -13.29 17.99 13.65
CA THR C 172 -12.62 17.38 14.79
C THR C 172 -11.28 16.76 14.40
N THR C 173 -10.23 17.14 15.12
CA THR C 173 -8.90 16.59 14.86
C THR C 173 -8.87 15.11 15.23
N PRO C 174 -7.97 14.34 14.59
CA PRO C 174 -7.80 12.94 14.96
C PRO C 174 -7.29 12.79 16.39
N PRO C 175 -7.52 11.63 17.01
CA PRO C 175 -6.97 11.36 18.33
C PRO C 175 -5.45 11.41 18.31
N VAL C 176 -4.85 12.15 19.24
CA VAL C 176 -3.40 12.24 19.31
C VAL C 176 -2.86 11.58 20.57
N LEU C 177 -1.98 10.61 20.40
CA LEU C 177 -1.40 9.89 21.52
C LEU C 177 -0.54 10.82 22.38
N ASP C 178 -0.76 10.75 23.70
CA ASP C 178 -0.05 11.62 24.63
C ASP C 178 1.12 10.90 25.29
N SER C 179 1.62 11.46 26.39
CA SER C 179 2.77 10.89 27.08
C SER C 179 2.39 9.77 28.04
N ASP C 180 1.23 9.91 28.68
CA ASP C 180 0.78 8.92 29.66
C ASP C 180 0.00 7.78 29.02
N GLY C 181 0.16 7.60 27.71
CA GLY C 181 -0.47 6.50 27.01
C GLY C 181 -1.95 6.70 26.72
N SER C 182 -2.42 7.91 26.95
CA SER C 182 -3.81 8.27 26.65
C SER C 182 -3.87 9.15 25.43
N PHE C 183 -5.08 9.38 24.91
CA PHE C 183 -5.25 10.21 23.73
C PHE C 183 -5.89 11.56 24.08
N PHE C 184 -5.76 12.52 23.17
CA PHE C 184 -6.49 13.77 23.28
C PHE C 184 -6.83 14.28 21.88
N LEU C 185 -7.90 15.05 21.79
CA LEU C 185 -8.25 15.69 20.53
C LEU C 185 -8.90 17.03 20.77
N TYR C 186 -9.05 17.80 19.70
CA TYR C 186 -9.79 19.06 19.75
C TYR C 186 -10.93 19.03 18.74
N SER C 187 -12.03 19.68 19.09
CA SER C 187 -13.14 19.84 18.16
C SER C 187 -13.48 21.32 18.08
N ARG C 188 -13.60 21.83 16.84
CA ARG C 188 -13.78 23.26 16.64
C ARG C 188 -15.07 23.57 15.88
N LEU C 189 -16.01 24.22 16.57
CA LEU C 189 -17.25 24.64 15.94
C LEU C 189 -17.18 26.10 15.49
N THR C 190 -17.60 26.35 14.26
CA THR C 190 -17.59 27.71 13.72
C THR C 190 -19.01 28.28 13.61
N VAL C 191 -19.27 29.31 14.38
CA VAL C 191 -20.55 30.00 14.33
C VAL C 191 -20.37 31.45 13.93
N ASP C 192 -21.44 32.04 13.40
CA ASP C 192 -21.45 33.48 13.12
C ASP C 192 -21.22 34.25 14.41
N LYS C 193 -20.50 35.36 14.33
CA LYS C 193 -20.17 36.15 15.52
C LYS C 193 -21.43 36.63 16.23
N SER C 194 -22.44 37.02 15.46
CA SER C 194 -23.70 37.50 16.01
C SER C 194 -24.39 36.44 16.87
N ARG C 195 -24.27 35.18 16.45
CA ARG C 195 -24.83 34.07 17.23
C ARG C 195 -24.22 34.02 18.61
N TRP C 196 -22.91 34.16 18.67
CA TRP C 196 -22.15 34.09 19.93
C TRP C 196 -22.37 35.33 20.78
N GLN C 197 -22.43 36.49 20.13
CA GLN C 197 -22.57 37.76 20.83
C GLN C 197 -23.94 37.91 21.51
N GLU C 198 -24.95 37.25 20.95
CA GLU C 198 -26.29 37.33 21.48
C GLU C 198 -26.51 36.38 22.65
N GLY C 199 -25.42 35.80 23.14
CA GLY C 199 -25.45 34.96 24.32
C GLY C 199 -26.09 33.59 24.11
N ASN C 200 -26.08 33.10 22.88
CA ASN C 200 -26.62 31.78 22.59
C ASN C 200 -25.81 30.70 23.30
N VAL C 201 -26.48 29.61 23.66
CA VAL C 201 -25.84 28.53 24.40
C VAL C 201 -25.40 27.40 23.48
N PHE C 202 -24.12 27.04 23.55
CA PHE C 202 -23.58 25.95 22.74
C PHE C 202 -23.02 24.86 23.64
N SER C 203 -23.21 23.61 23.24
CA SER C 203 -22.75 22.48 24.05
C SER C 203 -21.93 21.48 23.26
N CYS C 204 -20.90 20.95 23.91
CA CYS C 204 -20.03 19.93 23.33
C CYS C 204 -20.37 18.57 23.92
N SER C 205 -20.76 17.63 23.07
CA SER C 205 -21.13 16.29 23.51
C SER C 205 -20.07 15.27 23.11
N VAL C 206 -19.71 14.41 24.06
CA VAL C 206 -18.68 13.40 23.82
C VAL C 206 -19.13 12.01 24.26
N MET C 207 -19.05 11.05 23.34
CA MET C 207 -19.40 9.67 23.64
C MET C 207 -18.16 8.78 23.71
N HIS C 208 -17.93 8.19 24.87
CA HIS C 208 -16.80 7.30 25.08
C HIS C 208 -17.20 6.17 26.03
N GLU C 209 -16.64 4.98 25.81
CA GLU C 209 -17.02 3.79 26.57
C GLU C 209 -16.76 3.93 28.06
N ALA C 210 -15.78 4.75 28.42
CA ALA C 210 -15.37 4.89 29.82
C ALA C 210 -16.18 5.97 30.54
N LEU C 211 -17.16 6.54 29.85
CA LEU C 211 -18.05 7.51 30.47
C LEU C 211 -19.33 6.84 30.98
N HIS C 212 -19.81 7.29 32.13
CA HIS C 212 -21.09 6.82 32.66
C HIS C 212 -22.18 7.13 31.64
N ASN C 213 -22.99 6.11 31.34
CA ASN C 213 -24.01 6.18 30.29
C ASN C 213 -23.42 6.45 28.90
N HIS C 214 -22.12 6.22 28.77
CA HIS C 214 -21.39 6.42 27.51
C HIS C 214 -21.60 7.82 26.92
N TYR C 215 -21.79 8.81 27.77
CA TYR C 215 -22.17 10.13 27.30
C TYR C 215 -21.94 11.23 28.33
N THR C 216 -21.41 12.36 27.87
CA THR C 216 -21.26 13.55 28.70
C THR C 216 -21.39 14.80 27.84
N GLN C 217 -21.72 15.92 28.47
CA GLN C 217 -21.95 17.16 27.74
C GLN C 217 -21.47 18.34 28.56
N LYS C 218 -20.77 19.27 27.91
CA LYS C 218 -20.26 20.46 28.57
C LYS C 218 -20.73 21.72 27.86
N SER C 219 -21.36 22.63 28.60
CA SER C 219 -21.95 23.82 28.02
C SER C 219 -20.91 24.91 27.75
N LEU C 220 -21.29 25.88 26.91
CA LEU C 220 -20.41 26.99 26.55
C LEU C 220 -21.20 28.16 25.97
N SER C 221 -21.06 29.32 26.59
CA SER C 221 -21.73 30.52 26.10
C SER C 221 -21.01 31.77 26.56
N LEU C 222 -21.51 32.92 26.12
CA LEU C 222 -20.93 34.21 26.50
C LEU C 222 -21.40 34.61 27.89
N LEU D 14 5.43 -6.19 -11.89
CA LEU D 14 6.59 -6.98 -12.30
C LEU D 14 7.73 -6.83 -11.30
N GLY D 15 8.72 -7.72 -11.40
CA GLY D 15 9.86 -7.70 -10.50
C GLY D 15 10.78 -6.53 -10.76
N GLY D 16 11.60 -6.21 -9.76
CA GLY D 16 12.54 -5.12 -9.87
C GLY D 16 12.43 -4.14 -8.71
N PRO D 17 13.45 -3.28 -8.55
CA PRO D 17 13.51 -2.26 -7.49
C PRO D 17 12.38 -1.24 -7.58
N SER D 18 12.16 -0.51 -6.49
CA SER D 18 11.14 0.54 -6.44
C SER D 18 11.77 1.86 -6.02
N VAL D 19 11.27 2.96 -6.59
CA VAL D 19 11.86 4.28 -6.35
C VAL D 19 10.90 5.25 -5.65
N PHE D 20 11.33 5.80 -4.52
CA PHE D 20 10.55 6.79 -3.79
C PHE D 20 11.28 8.13 -3.72
N LEU D 21 10.52 9.22 -3.71
CA LEU D 21 11.10 10.56 -3.66
C LEU D 21 10.39 11.42 -2.61
N PHE D 22 11.10 11.78 -1.55
CA PHE D 22 10.52 12.47 -0.41
C PHE D 22 10.86 13.96 -0.35
N PRO D 23 9.89 14.79 0.04
CA PRO D 23 10.06 16.24 0.19
C PRO D 23 10.78 16.60 1.48
N PRO D 24 11.34 17.83 1.57
CA PRO D 24 12.02 18.25 2.79
C PRO D 24 11.05 18.39 3.96
N LYS D 25 11.57 18.28 5.18
CA LYS D 25 10.76 18.53 6.36
C LYS D 25 10.35 19.99 6.33
N PRO D 26 9.05 20.26 6.54
CA PRO D 26 8.50 21.62 6.52
C PRO D 26 9.30 22.60 7.37
N LYS D 27 9.75 22.13 8.53
CA LYS D 27 10.52 22.96 9.46
C LYS D 27 11.87 23.36 8.86
N ASP D 28 12.50 22.43 8.15
CA ASP D 28 13.78 22.70 7.49
C ASP D 28 13.61 23.75 6.40
N THR D 29 12.42 23.79 5.80
CA THR D 29 12.14 24.73 4.73
C THR D 29 11.99 26.16 5.25
N LEU D 30 11.37 26.31 6.41
CA LEU D 30 11.02 27.63 6.93
C LEU D 30 12.17 28.26 7.73
N MET D 31 13.04 27.43 8.30
CA MET D 31 14.20 27.93 9.04
C MET D 31 15.45 27.92 8.17
N ILE D 32 16.19 29.04 8.18
CA ILE D 32 17.40 29.15 7.38
C ILE D 32 18.61 28.61 8.16
N SER D 33 18.38 28.29 9.43
CA SER D 33 19.42 27.70 10.27
C SER D 33 19.48 26.20 10.07
N ARG D 34 18.46 25.65 9.42
CA ARG D 34 18.39 24.22 9.15
C ARG D 34 18.66 23.95 7.67
N THR D 35 18.64 22.66 7.30
CA THR D 35 19.01 22.26 5.94
C THR D 35 17.95 21.37 5.29
N PRO D 36 17.15 21.96 4.39
CA PRO D 36 16.09 21.23 3.68
C PRO D 36 16.67 20.24 2.66
N GLU D 37 16.11 19.03 2.63
CA GLU D 37 16.63 17.99 1.74
C GLU D 37 15.51 17.27 0.97
N VAL D 38 15.75 17.08 -0.32
CA VAL D 38 14.89 16.19 -1.11
C VAL D 38 15.61 14.86 -1.23
N THR D 39 14.92 13.78 -0.85
CA THR D 39 15.56 12.47 -0.76
C THR D 39 15.00 11.46 -1.75
N CYS D 40 15.88 10.85 -2.54
CA CYS D 40 15.49 9.78 -3.46
C CYS D 40 16.05 8.45 -2.96
N VAL D 41 15.15 7.53 -2.64
CA VAL D 41 15.56 6.24 -2.08
C VAL D 41 14.99 5.06 -2.86
N VAL D 42 15.88 4.15 -3.29
CA VAL D 42 15.46 2.95 -4.00
C VAL D 42 15.60 1.72 -3.10
N VAL D 43 14.61 0.83 -3.19
CA VAL D 43 14.61 -0.39 -2.40
C VAL D 43 14.47 -1.61 -3.30
N ASP D 44 14.58 -2.80 -2.70
CA ASP D 44 14.46 -4.07 -3.42
C ASP D 44 15.48 -4.20 -4.54
N VAL D 45 16.66 -3.63 -4.32
CA VAL D 45 17.77 -3.77 -5.25
C VAL D 45 18.40 -5.15 -5.09
N SER D 46 18.45 -5.91 -6.18
CA SER D 46 18.93 -7.28 -6.14
C SER D 46 20.43 -7.37 -5.90
N GLN D 47 20.87 -8.46 -5.28
CA GLN D 47 22.29 -8.68 -5.01
C GLN D 47 23.05 -8.99 -6.29
N GLU D 48 22.35 -9.58 -7.26
CA GLU D 48 22.95 -9.96 -8.53
C GLU D 48 23.30 -8.73 -9.36
N ASP D 49 22.54 -7.66 -9.18
CA ASP D 49 22.79 -6.40 -9.89
C ASP D 49 22.56 -5.20 -8.96
N PRO D 50 23.57 -4.87 -8.15
CA PRO D 50 23.46 -3.88 -7.08
C PRO D 50 23.86 -2.44 -7.46
N GLU D 51 24.64 -2.27 -8.53
CA GLU D 51 25.13 -0.96 -8.92
C GLU D 51 23.99 -0.01 -9.31
N VAL D 52 23.92 1.14 -8.65
CA VAL D 52 22.85 2.11 -8.88
C VAL D 52 23.37 3.52 -9.16
N GLN D 53 22.87 4.14 -10.22
CA GLN D 53 23.28 5.51 -10.56
C GLN D 53 22.12 6.50 -10.43
N PHE D 54 22.42 7.68 -9.91
CA PHE D 54 21.41 8.73 -9.73
C PHE D 54 21.66 9.93 -10.64
N ASN D 55 20.57 10.61 -10.99
CA ASN D 55 20.64 11.84 -11.78
C ASN D 55 19.61 12.84 -11.29
N TRP D 56 20.08 14.02 -10.88
CA TRP D 56 19.19 15.02 -10.31
C TRP D 56 18.97 16.19 -11.24
N TYR D 57 17.73 16.70 -11.27
CA TYR D 57 17.39 17.84 -12.11
C TYR D 57 16.52 18.84 -11.35
N VAL D 58 16.89 20.11 -11.41
CA VAL D 58 16.08 21.18 -10.83
C VAL D 58 15.48 22.04 -11.94
N ASP D 59 14.19 21.84 -12.21
CA ASP D 59 13.52 22.47 -13.34
C ASP D 59 14.24 22.15 -14.65
N GLY D 60 14.61 20.89 -14.83
CA GLY D 60 15.22 20.44 -16.07
C GLY D 60 16.74 20.55 -16.11
N VAL D 61 17.29 21.47 -15.34
CA VAL D 61 18.74 21.65 -15.28
C VAL D 61 19.35 20.68 -14.28
N GLU D 62 20.38 19.95 -14.71
CA GLU D 62 21.00 18.95 -13.87
C GLU D 62 21.93 19.56 -12.81
N VAL D 63 21.85 19.04 -11.59
CA VAL D 63 22.75 19.44 -10.52
C VAL D 63 23.60 18.24 -10.10
N HIS D 64 24.74 18.51 -9.47
CA HIS D 64 25.69 17.44 -9.17
C HIS D 64 26.11 17.41 -7.69
N ASN D 65 25.48 18.25 -6.87
CA ASN D 65 25.89 18.38 -5.48
C ASN D 65 25.23 17.37 -4.54
N ALA D 66 24.60 16.35 -5.12
CA ALA D 66 23.93 15.33 -4.33
C ALA D 66 24.93 14.45 -3.60
N LYS D 67 24.49 13.83 -2.50
CA LYS D 67 25.34 12.94 -1.73
C LYS D 67 24.69 11.55 -1.62
N THR D 68 25.30 10.57 -2.28
CA THR D 68 24.75 9.21 -2.28
C THR D 68 25.42 8.32 -1.23
N LYS D 69 24.59 7.75 -0.35
CA LYS D 69 25.08 6.84 0.68
C LYS D 69 25.22 5.42 0.12
N PRO D 70 26.21 4.66 0.61
CA PRO D 70 26.47 3.30 0.12
C PRO D 70 25.30 2.35 0.32
N ARG D 71 25.26 1.27 -0.46
CA ARG D 71 24.17 0.31 -0.43
C ARG D 71 24.07 -0.40 0.92
N GLU D 72 22.92 -0.28 1.57
CA GLU D 72 22.67 -0.97 2.83
C GLU D 72 21.85 -2.24 2.58
N GLU D 73 22.41 -3.38 2.98
CA GLU D 73 21.75 -4.67 2.79
C GLU D 73 20.57 -4.84 3.75
N GLN D 74 19.38 -5.05 3.20
CA GLN D 74 18.20 -5.30 4.03
C GLN D 74 18.27 -6.70 4.62
N PHE D 75 17.25 -7.08 5.39
CA PHE D 75 17.23 -8.39 6.04
C PHE D 75 17.12 -9.52 5.03
N ASP D 76 16.51 -9.25 3.89
CA ASP D 76 16.21 -10.29 2.92
C ASP D 76 17.16 -10.25 1.71
N SER D 77 18.44 -9.97 1.99
CA SER D 77 19.50 -9.95 0.98
C SER D 77 19.32 -8.91 -0.13
N THR D 78 18.25 -8.12 -0.06
CA THR D 78 18.07 -7.01 -1.00
C THR D 78 18.83 -5.81 -0.49
N TYR D 79 18.95 -4.77 -1.31
CA TYR D 79 19.74 -3.59 -0.92
C TYR D 79 18.92 -2.31 -1.00
N ARG D 80 19.24 -1.37 -0.11
CA ARG D 80 18.62 -0.06 -0.10
C ARG D 80 19.65 1.03 -0.35
N VAL D 81 19.43 1.81 -1.40
CA VAL D 81 20.33 2.90 -1.75
C VAL D 81 19.60 4.23 -1.61
N VAL D 82 20.26 5.22 -1.04
CA VAL D 82 19.64 6.51 -0.84
C VAL D 82 20.51 7.65 -1.35
N SER D 83 19.92 8.52 -2.15
CA SER D 83 20.58 9.73 -2.61
C SER D 83 19.85 10.95 -2.06
N VAL D 84 20.58 11.82 -1.37
CA VAL D 84 19.98 12.98 -0.74
C VAL D 84 20.50 14.29 -1.35
N LEU D 85 19.58 15.15 -1.76
CA LEU D 85 19.93 16.43 -2.38
C LEU D 85 19.55 17.61 -1.49
N THR D 86 20.52 18.46 -1.18
CA THR D 86 20.26 19.68 -0.44
C THR D 86 19.65 20.74 -1.35
N VAL D 87 18.52 21.30 -0.92
CA VAL D 87 17.84 22.31 -1.72
C VAL D 87 17.90 23.68 -1.06
N LEU D 88 17.65 24.72 -1.85
CA LEU D 88 17.62 26.07 -1.32
C LEU D 88 16.22 26.41 -0.83
N HIS D 89 16.12 27.05 0.32
CA HIS D 89 14.83 27.41 0.92
C HIS D 89 13.96 28.17 -0.06
N GLN D 90 14.52 29.20 -0.67
CA GLN D 90 13.77 30.04 -1.61
C GLN D 90 13.44 29.27 -2.90
N ASP D 91 14.31 28.34 -3.28
CA ASP D 91 14.07 27.52 -4.45
C ASP D 91 12.85 26.61 -4.28
N TRP D 92 12.79 25.91 -3.16
CA TRP D 92 11.69 25.00 -2.89
C TRP D 92 10.36 25.75 -2.76
N LEU D 93 10.41 26.94 -2.18
CA LEU D 93 9.20 27.72 -1.96
C LEU D 93 8.75 28.46 -3.21
N ASN D 94 9.63 28.57 -4.20
CA ASN D 94 9.27 29.17 -5.48
C ASN D 94 8.54 28.18 -6.37
N GLY D 95 8.43 26.93 -5.90
CA GLY D 95 7.71 25.90 -6.61
C GLY D 95 8.52 25.19 -7.67
N LYS D 96 9.85 25.32 -7.61
CA LYS D 96 10.72 24.69 -8.58
C LYS D 96 10.63 23.17 -8.46
N GLU D 97 10.63 22.49 -9.61
CA GLU D 97 10.44 21.04 -9.62
C GLU D 97 11.77 20.30 -9.48
N TYR D 98 11.75 19.22 -8.69
CA TYR D 98 12.94 18.41 -8.46
C TYR D 98 12.74 17.00 -8.99
N LYS D 99 13.63 16.57 -9.88
CA LYS D 99 13.52 15.26 -10.51
C LYS D 99 14.64 14.31 -10.07
N CYS D 100 14.28 13.04 -9.87
CA CYS D 100 15.24 12.01 -9.54
C CYS D 100 15.17 10.88 -10.56
N LYS D 101 16.27 10.65 -11.27
CA LYS D 101 16.34 9.58 -12.25
C LYS D 101 17.25 8.46 -11.74
N VAL D 102 16.73 7.23 -11.77
CA VAL D 102 17.46 6.08 -11.25
C VAL D 102 17.75 5.04 -12.33
N SER D 103 19.01 4.65 -12.46
CA SER D 103 19.41 3.65 -13.43
C SER D 103 19.96 2.40 -12.73
N ASN D 104 19.46 1.23 -13.14
CA ASN D 104 19.88 -0.03 -12.54
C ASN D 104 19.55 -1.23 -13.43
N LYS D 105 20.38 -2.26 -13.37
CA LYS D 105 20.21 -3.45 -14.20
C LYS D 105 18.98 -4.27 -13.80
N GLY D 106 18.54 -4.12 -12.55
CA GLY D 106 17.36 -4.81 -12.06
C GLY D 106 16.07 -4.16 -12.55
N LEU D 107 16.22 -3.05 -13.27
CA LEU D 107 15.08 -2.34 -13.84
C LEU D 107 15.11 -2.42 -15.37
N PRO D 108 13.93 -2.55 -16.00
CA PRO D 108 13.84 -2.64 -17.46
C PRO D 108 14.23 -1.33 -18.15
N SER D 109 14.13 -0.22 -17.42
CA SER D 109 14.50 1.08 -17.94
C SER D 109 14.75 2.07 -16.80
N SER D 110 15.25 3.25 -17.14
CA SER D 110 15.44 4.31 -16.16
C SER D 110 14.09 4.86 -15.71
N ILE D 111 13.96 5.11 -14.41
CA ILE D 111 12.70 5.59 -13.84
C ILE D 111 12.87 6.98 -13.23
N GLU D 112 12.00 7.91 -13.64
CA GLU D 112 12.05 9.29 -13.16
C GLU D 112 10.90 9.61 -12.22
N LYS D 113 11.22 10.12 -11.04
CA LYS D 113 10.21 10.64 -10.12
C LYS D 113 10.42 12.14 -9.92
N THR D 114 9.32 12.88 -9.80
CA THR D 114 9.39 14.33 -9.66
C THR D 114 8.54 14.80 -8.47
N ILE D 115 9.11 15.67 -7.65
CA ILE D 115 8.39 16.23 -6.50
C ILE D 115 8.56 17.74 -6.47
N SER D 116 7.60 18.43 -5.85
CA SER D 116 7.64 19.88 -5.74
C SER D 116 6.74 20.37 -4.61
N LYS D 117 6.81 21.67 -4.32
CA LYS D 117 5.98 22.26 -3.29
C LYS D 117 4.51 22.14 -3.67
N ALA D 118 3.65 22.04 -2.66
CA ALA D 118 2.20 21.96 -2.87
C ALA D 118 1.69 23.15 -3.65
N LYS D 119 0.88 22.90 -4.66
CA LYS D 119 0.35 23.97 -5.50
C LYS D 119 -0.90 24.59 -4.90
N GLY D 120 -1.11 25.87 -5.18
CA GLY D 120 -2.25 26.59 -4.64
C GLY D 120 -1.86 27.89 -3.94
N GLN D 121 -2.78 28.85 -3.92
CA GLN D 121 -2.53 30.15 -3.30
C GLN D 121 -2.33 30.04 -1.79
N PRO D 122 -1.13 30.43 -1.32
CA PRO D 122 -0.83 30.38 0.12
C PRO D 122 -1.68 31.35 0.94
N ARG D 123 -2.12 30.89 2.12
CA ARG D 123 -2.94 31.72 2.99
C ARG D 123 -2.34 31.83 4.38
N GLU D 124 -2.28 33.05 4.90
CA GLU D 124 -1.67 33.30 6.20
C GLU D 124 -2.47 32.68 7.34
N PRO D 125 -1.79 31.96 8.25
CA PRO D 125 -2.44 31.38 9.42
C PRO D 125 -2.78 32.41 10.49
N GLN D 126 -3.99 32.30 11.03
CA GLN D 126 -4.40 33.09 12.17
C GLN D 126 -4.04 32.32 13.44
N VAL D 127 -3.31 32.96 14.35
CA VAL D 127 -2.89 32.30 15.57
C VAL D 127 -3.56 32.89 16.80
N TYR D 128 -4.27 32.05 17.55
CA TYR D 128 -4.95 32.47 18.76
C TYR D 128 -4.55 31.60 19.94
N THR D 129 -4.28 32.21 21.08
CA THR D 129 -3.95 31.47 22.29
C THR D 129 -5.15 31.41 23.23
N LEU D 130 -5.45 30.21 23.71
CA LEU D 130 -6.58 29.99 24.60
C LEU D 130 -6.11 29.56 25.99
N PRO D 131 -6.50 30.32 27.03
CA PRO D 131 -6.19 30.00 28.42
C PRO D 131 -6.87 28.71 28.85
N PRO D 132 -6.41 28.10 29.96
CA PRO D 132 -7.02 26.87 30.49
C PRO D 132 -8.48 27.08 30.89
N SER D 133 -9.27 26.01 30.87
CA SER D 133 -10.63 26.07 31.36
C SER D 133 -10.60 26.08 32.89
N GLN D 134 -11.50 26.85 33.50
CA GLN D 134 -11.50 27.02 34.95
C GLN D 134 -11.79 25.71 35.67
N GLU D 135 -12.36 24.75 34.94
CA GLU D 135 -12.63 23.42 35.47
C GLU D 135 -11.34 22.60 35.57
N GLU D 136 -10.41 22.84 34.66
CA GLU D 136 -9.13 22.13 34.64
C GLU D 136 -8.20 22.66 35.73
N MET D 137 -8.62 23.74 36.38
CA MET D 137 -7.81 24.37 37.43
C MET D 137 -7.79 23.53 38.72
N THR D 138 -8.58 22.46 38.75
CA THR D 138 -8.63 21.59 39.93
C THR D 138 -7.54 20.52 39.87
N LYS D 139 -7.13 20.15 38.65
CA LYS D 139 -6.07 19.17 38.46
C LYS D 139 -4.70 19.79 38.66
N ASN D 140 -3.68 18.94 38.84
CA ASN D 140 -2.33 19.39 39.15
C ASN D 140 -1.68 20.22 38.03
N GLN D 141 -1.90 19.82 36.78
CA GLN D 141 -1.33 20.53 35.64
C GLN D 141 -2.43 20.96 34.68
N VAL D 142 -2.23 22.10 34.03
CA VAL D 142 -3.25 22.66 33.13
C VAL D 142 -2.79 22.71 31.67
N SER D 143 -3.74 22.93 30.77
CA SER D 143 -3.47 22.90 29.34
C SER D 143 -3.54 24.28 28.69
N LEU D 144 -2.41 24.71 28.13
CA LEU D 144 -2.35 25.93 27.34
C LEU D 144 -2.57 25.57 25.86
N THR D 145 -3.55 26.20 25.24
CA THR D 145 -3.96 25.83 23.90
C THR D 145 -3.64 26.91 22.87
N CYS D 146 -3.10 26.49 21.73
CA CYS D 146 -2.79 27.41 20.63
C CYS D 146 -3.53 27.01 19.36
N LEU D 147 -4.48 27.83 18.94
CA LEU D 147 -5.25 27.57 17.73
C LEU D 147 -4.64 28.25 16.52
N VAL D 148 -4.22 27.45 15.54
CA VAL D 148 -3.71 27.95 14.27
C VAL D 148 -4.68 27.55 13.16
N LYS D 149 -5.23 28.53 12.44
CA LYS D 149 -6.25 28.20 11.45
C LYS D 149 -6.18 29.05 10.18
N GLY D 150 -6.86 28.57 9.13
CA GLY D 150 -6.98 29.29 7.88
C GLY D 150 -5.73 29.37 7.03
N PHE D 151 -4.83 28.41 7.19
CA PHE D 151 -3.57 28.45 6.46
C PHE D 151 -3.49 27.45 5.31
N TYR D 152 -2.67 27.78 4.32
CA TYR D 152 -2.41 26.90 3.20
C TYR D 152 -1.03 27.25 2.62
N PRO D 153 -0.25 26.23 2.24
CA PRO D 153 -0.52 24.79 2.34
C PRO D 153 -0.36 24.24 3.76
N SER D 154 -0.42 22.92 3.90
CA SER D 154 -0.46 22.28 5.21
C SER D 154 0.91 22.18 5.89
N ASP D 155 1.97 22.51 5.16
CA ASP D 155 3.32 22.47 5.73
C ASP D 155 3.49 23.55 6.79
N ILE D 156 3.75 23.15 8.03
CA ILE D 156 3.78 24.09 9.14
C ILE D 156 4.59 23.54 10.31
N ALA D 157 4.97 24.43 11.23
CA ALA D 157 5.71 24.03 12.44
C ALA D 157 5.28 24.87 13.63
N VAL D 158 5.14 24.22 14.78
CA VAL D 158 4.67 24.89 16.00
C VAL D 158 5.53 24.52 17.21
N GLU D 159 6.06 25.53 17.88
CA GLU D 159 6.87 25.32 19.09
C GLU D 159 6.36 26.19 20.24
N TRP D 160 6.90 25.97 21.44
CA TRP D 160 6.54 26.77 22.60
C TRP D 160 7.79 27.34 23.28
N GLU D 161 7.69 28.57 23.76
CA GLU D 161 8.79 29.23 24.47
C GLU D 161 8.29 30.04 25.66
N SER D 162 9.12 30.18 26.67
CA SER D 162 8.84 31.03 27.81
C SER D 162 10.15 31.49 28.44
N ASN D 163 10.30 32.80 28.63
CA ASN D 163 11.54 33.38 29.12
C ASN D 163 12.73 33.07 28.21
N GLY D 164 12.45 32.91 26.92
CA GLY D 164 13.49 32.63 25.94
C GLY D 164 13.73 31.15 25.72
N GLN D 165 13.77 30.39 26.82
CA GLN D 165 14.01 28.95 26.75
C GLN D 165 12.77 28.22 26.23
N PRO D 166 12.99 27.15 25.46
CA PRO D 166 11.89 26.36 24.88
C PRO D 166 11.19 25.45 25.89
N GLU D 167 9.86 25.39 25.82
CA GLU D 167 9.08 24.46 26.62
C GLU D 167 8.76 23.23 25.78
N ASN D 168 9.23 22.06 26.22
CA ASN D 168 9.17 20.86 25.38
C ASN D 168 8.11 19.84 25.81
N ASN D 169 7.18 20.25 26.66
CA ASN D 169 6.12 19.34 27.12
C ASN D 169 4.80 19.63 26.41
N TYR D 170 4.80 19.49 25.09
CA TYR D 170 3.61 19.81 24.29
C TYR D 170 3.35 18.78 23.19
N LYS D 171 2.13 18.79 22.67
CA LYS D 171 1.77 17.97 21.51
C LYS D 171 0.96 18.81 20.52
N THR D 172 1.02 18.45 19.26
CA THR D 172 0.34 19.21 18.22
C THR D 172 -0.42 18.28 17.26
N THR D 173 -1.71 18.53 17.12
CA THR D 173 -2.54 17.73 16.22
C THR D 173 -2.08 17.94 14.78
N PRO D 174 -2.25 16.92 13.93
CA PRO D 174 -1.93 17.07 12.51
C PRO D 174 -2.88 18.06 11.84
N PRO D 175 -2.43 18.69 10.74
CA PRO D 175 -3.29 19.61 9.99
C PRO D 175 -4.59 18.95 9.54
N VAL D 176 -5.70 19.67 9.68
CA VAL D 176 -7.00 19.15 9.29
C VAL D 176 -7.62 20.07 8.24
N LEU D 177 -8.11 19.48 7.15
CA LEU D 177 -8.72 20.27 6.08
C LEU D 177 -10.06 20.85 6.51
N ASP D 178 -10.20 22.16 6.34
CA ASP D 178 -11.43 22.88 6.70
C ASP D 178 -12.29 23.12 5.46
N SER D 179 -13.49 23.63 5.68
CA SER D 179 -14.48 23.77 4.61
C SER D 179 -14.05 24.70 3.47
N ASP D 180 -13.19 25.67 3.75
CA ASP D 180 -12.79 26.64 2.73
C ASP D 180 -11.48 26.26 2.03
N GLY D 181 -11.06 25.02 2.19
CA GLY D 181 -9.85 24.54 1.55
C GLY D 181 -8.57 24.99 2.26
N SER D 182 -8.71 25.43 3.49
CA SER D 182 -7.55 25.79 4.32
C SER D 182 -7.44 24.81 5.47
N PHE D 183 -6.29 24.82 6.15
CA PHE D 183 -6.07 23.87 7.24
C PHE D 183 -6.13 24.55 8.60
N PHE D 184 -6.30 23.74 9.64
CA PHE D 184 -6.24 24.23 11.00
C PHE D 184 -5.67 23.15 11.92
N LEU D 185 -5.11 23.55 13.04
CA LEU D 185 -4.63 22.62 14.04
C LEU D 185 -4.64 23.24 15.43
N TYR D 186 -4.44 22.39 16.43
CA TYR D 186 -4.30 22.84 17.80
C TYR D 186 -2.99 22.33 18.38
N SER D 187 -2.37 23.13 19.25
CA SER D 187 -1.21 22.67 19.99
C SER D 187 -1.46 22.82 21.49
N ARG D 188 -1.21 21.76 22.24
CA ARG D 188 -1.47 21.77 23.67
C ARG D 188 -0.19 21.66 24.49
N LEU D 189 0.08 22.68 25.29
CA LEU D 189 1.24 22.68 26.19
C LEU D 189 0.80 22.46 27.62
N THR D 190 1.28 21.38 28.24
CA THR D 190 0.94 21.07 29.62
C THR D 190 1.96 21.65 30.59
N VAL D 191 1.51 22.55 31.46
CA VAL D 191 2.38 23.20 32.43
C VAL D 191 1.91 22.93 33.86
N ASP D 192 2.84 22.95 34.81
CA ASP D 192 2.48 22.83 36.22
C ASP D 192 1.68 24.07 36.65
N LYS D 193 0.62 23.85 37.43
CA LYS D 193 -0.35 24.91 37.77
C LYS D 193 0.30 26.13 38.41
N SER D 194 1.30 25.90 39.26
CA SER D 194 1.96 26.99 39.97
C SER D 194 2.62 27.96 39.00
N ARG D 195 3.25 27.42 37.97
CA ARG D 195 3.94 28.24 36.98
C ARG D 195 2.94 29.07 36.19
N TRP D 196 1.71 28.59 36.09
CA TRP D 196 0.65 29.35 35.43
C TRP D 196 -0.01 30.32 36.40
N GLN D 197 -0.22 29.89 37.64
CA GLN D 197 -0.84 30.74 38.66
C GLN D 197 0.09 31.88 39.06
N GLU D 198 1.40 31.64 38.99
CA GLU D 198 2.38 32.66 39.34
C GLU D 198 2.56 33.68 38.22
N GLY D 199 1.72 33.59 37.19
CA GLY D 199 1.69 34.56 36.12
C GLY D 199 2.92 34.59 35.24
N ASN D 200 3.31 33.44 34.71
CA ASN D 200 4.38 33.38 33.73
C ASN D 200 3.83 33.58 32.33
N VAL D 201 4.67 34.07 31.43
CA VAL D 201 4.25 34.31 30.06
C VAL D 201 4.72 33.19 29.14
N PHE D 202 3.76 32.55 28.47
CA PHE D 202 4.05 31.47 27.54
C PHE D 202 3.75 31.92 26.12
N SER D 203 4.68 31.65 25.20
CA SER D 203 4.55 32.10 23.82
C SER D 203 4.46 30.94 22.83
N CYS D 204 3.36 30.90 22.08
CA CYS D 204 3.17 29.91 21.04
C CYS D 204 3.80 30.39 19.73
N SER D 205 4.84 29.70 19.29
CA SER D 205 5.56 30.08 18.07
C SER D 205 5.07 29.29 16.86
N VAL D 206 4.73 30.00 15.78
CA VAL D 206 4.22 29.38 14.57
C VAL D 206 5.01 29.79 13.33
N MET D 207 5.47 28.79 12.57
CA MET D 207 6.21 29.05 11.35
C MET D 207 5.46 28.53 10.12
N HIS D 208 5.33 29.40 9.13
CA HIS D 208 4.57 29.08 7.92
C HIS D 208 4.98 30.04 6.79
N GLU D 209 4.96 29.55 5.56
CA GLU D 209 5.49 30.33 4.44
C GLU D 209 4.64 31.56 4.09
N ALA D 210 3.40 31.59 4.57
CA ALA D 210 2.49 32.68 4.26
C ALA D 210 2.58 33.80 5.30
N LEU D 211 3.28 33.53 6.39
CA LEU D 211 3.49 34.54 7.43
C LEU D 211 4.56 35.54 7.03
N HIS D 212 4.49 36.73 7.62
CA HIS D 212 5.53 37.73 7.41
C HIS D 212 6.84 37.22 7.99
N ASN D 213 7.86 37.15 7.14
CA ASN D 213 9.16 36.58 7.51
C ASN D 213 9.05 35.13 7.95
N HIS D 214 8.03 34.44 7.46
CA HIS D 214 7.79 33.01 7.75
C HIS D 214 7.75 32.70 9.24
N TYR D 215 7.31 33.66 10.05
CA TYR D 215 7.29 33.48 11.50
C TYR D 215 6.35 34.45 12.22
N THR D 216 5.73 33.96 13.29
CA THR D 216 4.94 34.79 14.20
C THR D 216 4.82 34.09 15.55
N GLN D 217 4.49 34.85 16.59
CA GLN D 217 4.26 34.26 17.90
C GLN D 217 3.19 35.05 18.66
N LYS D 218 2.44 34.34 19.51
CA LYS D 218 1.42 34.95 20.34
C LYS D 218 1.65 34.56 21.79
N SER D 219 1.60 35.54 22.69
CA SER D 219 1.83 35.29 24.11
C SER D 219 0.56 34.85 24.81
N LEU D 220 0.71 34.21 25.96
CA LEU D 220 -0.42 33.74 26.76
C LEU D 220 -0.06 33.72 28.24
N SER D 221 -0.77 34.51 29.03
CA SER D 221 -0.52 34.59 30.45
C SER D 221 -1.82 34.77 31.23
N LEU D 222 -1.69 34.91 32.55
CA LEU D 222 -2.87 35.05 33.40
C LEU D 222 -3.18 36.51 33.69
C1 GOL E . 7.09 -37.08 1.47
O1 GOL E . 5.84 -36.42 1.38
C2 GOL E . 7.11 -38.01 2.68
O2 GOL E . 8.44 -38.36 2.98
C3 GOL E . 6.30 -39.28 2.39
O3 GOL E . 6.47 -39.67 1.04
#